data_7EYS
#
_entry.id   7EYS
#
_cell.length_a   49.366
_cell.length_b   72.227
_cell.length_c   77.606
_cell.angle_alpha   81.582
_cell.angle_beta   85.581
_cell.angle_gamma   70.243
#
_symmetry.space_group_name_H-M   'P 1'
#
loop_
_entity.id
_entity.type
_entity.pdbx_description
1 polymer '2-oxoglutarate/Fe(II)-dependent dioxygenase SptF'
2 non-polymer '2-OXOGLUTARIC ACID'
3 non-polymer 'Andiconin D'
4 non-polymer 'FE (II) ION'
5 water water
#
_entity_poly.entity_id   1
_entity_poly.type   'polypeptide(L)'
_entity_poly.pdbx_seq_one_letter_code
;MPQLHYVPYDTPVEDVMRILKESGTLVIRNFLDQNTVQKVQDEVDDYVRNWNPGPKYNHDIKNVGSKTKQPSNLSLMSKT
YRCEVLNHPWMHAICERMFGPTYGDYWFNGGSILHLEPGENTQPIHQDHVFYQISKWRRPTDPDLTINFTMALTEFTVEN
GGTRVCPGSHLWENGHASPAEEDMVPVLMQPGDALILPGSMWHSAGANRTSEYRRGFATSFHPCHFTPIESHHHLPREMV
EEMTPLVQKMLGFRTLNLHNNVKVWKAGEGNLEDATGLKSVAAKLAAALEHHHHHH
;
_entity_poly.pdbx_strand_id   C,A,B,D
#
# COMPACT_ATOMS: atom_id res chain seq x y z
N PRO A 2 -7.83 35.08 -12.09
CA PRO A 2 -8.06 33.89 -11.25
C PRO A 2 -8.92 32.85 -11.95
N GLN A 3 -8.67 31.57 -11.65
CA GLN A 3 -9.34 30.47 -12.31
C GLN A 3 -9.64 29.38 -11.28
N LEU A 4 -10.61 28.53 -11.60
CA LEU A 4 -10.84 27.31 -10.84
C LEU A 4 -9.96 26.20 -11.41
N HIS A 5 -9.05 25.69 -10.60
CA HIS A 5 -8.09 24.68 -11.03
C HIS A 5 -8.44 23.32 -10.45
N TYR A 6 -8.26 22.28 -11.26
CA TYR A 6 -8.36 20.90 -10.82
C TYR A 6 -6.96 20.30 -10.87
N VAL A 7 -6.43 19.92 -9.70
CA VAL A 7 -5.04 19.47 -9.62
C VAL A 7 -5.03 18.04 -9.09
N PRO A 8 -4.02 17.25 -9.44
CA PRO A 8 -3.91 15.90 -8.89
C PRO A 8 -3.39 15.93 -7.45
N TYR A 9 -3.44 14.75 -6.83
CA TYR A 9 -3.02 14.60 -5.44
C TYR A 9 -1.53 14.94 -5.25
N ASP A 10 -0.70 14.67 -6.26
CA ASP A 10 0.74 14.83 -6.13
C ASP A 10 1.21 16.24 -6.47
N THR A 11 0.29 17.18 -6.64
CA THR A 11 0.67 18.58 -6.86
C THR A 11 1.55 19.06 -5.71
N PRO A 12 2.71 19.64 -5.99
CA PRO A 12 3.57 20.14 -4.90
C PRO A 12 2.85 21.19 -4.06
N VAL A 13 3.18 21.19 -2.76
CA VAL A 13 2.51 22.06 -1.81
C VAL A 13 2.63 23.52 -2.23
N GLU A 14 3.79 23.89 -2.82
CA GLU A 14 4.00 25.28 -3.21
C GLU A 14 3.00 25.71 -4.28
N ASP A 15 2.72 24.84 -5.24
CA ASP A 15 1.75 25.17 -6.28
C ASP A 15 0.36 25.34 -5.70
N VAL A 16 -0.01 24.51 -4.73
CA VAL A 16 -1.33 24.61 -4.10
C VAL A 16 -1.46 25.93 -3.36
N MET A 17 -0.42 26.32 -2.62
CA MET A 17 -0.47 27.59 -1.90
C MET A 17 -0.53 28.76 -2.86
N ARG A 18 0.24 28.71 -3.95
CA ARG A 18 0.18 29.78 -4.95
C ARG A 18 -1.21 29.89 -5.57
N ILE A 19 -1.85 28.75 -5.85
CA ILE A 19 -3.20 28.80 -6.41
C ILE A 19 -4.18 29.36 -5.39
N LEU A 20 -4.02 29.00 -4.11
CA LEU A 20 -4.89 29.54 -3.07
C LEU A 20 -4.73 31.05 -2.95
N LYS A 21 -3.48 31.53 -3.00
CA LYS A 21 -3.25 32.96 -2.92
C LYS A 21 -3.85 33.70 -4.12
N GLU A 22 -3.64 33.16 -5.32
CA GLU A 22 -4.10 33.83 -6.53
C GLU A 22 -5.60 33.71 -6.73
N SER A 23 -6.14 32.48 -6.63
CA SER A 23 -7.51 32.20 -7.05
C SER A 23 -8.46 31.92 -5.89
N GLY A 24 -7.96 31.70 -4.68
CA GLY A 24 -8.79 31.60 -3.50
C GLY A 24 -9.44 30.25 -3.26
N THR A 25 -9.25 29.28 -4.14
CA THR A 25 -9.83 27.96 -4.00
C THR A 25 -9.17 27.05 -5.03
N LEU A 26 -9.45 25.75 -4.91
CA LEU A 26 -9.02 24.75 -5.88
C LEU A 26 -9.58 23.41 -5.45
N VAL A 27 -9.55 22.45 -6.37
CA VAL A 27 -9.96 21.09 -6.11
C VAL A 27 -8.73 20.19 -6.17
N ILE A 28 -8.54 19.36 -5.15
CA ILE A 28 -7.51 18.33 -5.17
C ILE A 28 -8.20 17.00 -5.41
N ARG A 29 -7.95 16.42 -6.59
CA ARG A 29 -8.56 15.16 -6.94
C ARG A 29 -7.90 14.01 -6.20
N ASN A 30 -8.71 12.97 -5.91
CA ASN A 30 -8.26 11.77 -5.20
C ASN A 30 -7.72 12.10 -3.82
N PHE A 31 -8.30 13.12 -3.19
CA PHE A 31 -7.93 13.53 -1.83
C PHE A 31 -8.14 12.40 -0.84
N LEU A 32 -9.24 11.66 -0.99
CA LEU A 32 -9.47 10.39 -0.32
C LEU A 32 -9.61 9.30 -1.36
N ASP A 33 -9.30 8.07 -0.98
CA ASP A 33 -9.55 6.94 -1.86
C ASP A 33 -10.96 6.41 -1.65
N GLN A 34 -11.36 5.50 -2.54
CA GLN A 34 -12.72 4.95 -2.45
C GLN A 34 -12.94 4.19 -1.15
N ASN A 35 -11.88 3.59 -0.60
CA ASN A 35 -12.02 2.88 0.67
C ASN A 35 -12.41 3.83 1.80
N THR A 36 -11.78 5.01 1.86
CA THR A 36 -12.13 5.97 2.90
C THR A 36 -13.53 6.53 2.67
N VAL A 37 -13.89 6.78 1.41
CA VAL A 37 -15.23 7.29 1.11
C VAL A 37 -16.29 6.33 1.62
N GLN A 38 -16.13 5.04 1.34
CA GLN A 38 -17.12 4.05 1.76
C GLN A 38 -17.12 3.85 3.28
N LYS A 39 -15.94 3.88 3.90
CA LYS A 39 -15.91 3.72 5.35
C LYS A 39 -16.59 4.89 6.05
N VAL A 40 -16.40 6.11 5.53
CA VAL A 40 -17.10 7.26 6.09
C VAL A 40 -18.61 7.13 5.85
N GLN A 41 -19.01 6.76 4.62
CA GLN A 41 -20.42 6.61 4.30
C GLN A 41 -21.06 5.52 5.16
N ASP A 42 -20.32 4.46 5.44
CA ASP A 42 -20.86 3.38 6.28
C ASP A 42 -21.04 3.84 7.72
N GLU A 43 -20.09 4.61 8.24
CA GLU A 43 -20.14 5.03 9.63
C GLU A 43 -21.14 6.16 9.89
N VAL A 44 -21.51 6.93 8.87
CA VAL A 44 -22.43 8.06 9.04
C VAL A 44 -23.78 7.81 8.40
N ASP A 45 -24.02 6.60 7.89
CA ASP A 45 -25.26 6.34 7.17
C ASP A 45 -26.48 6.48 8.07
N ASP A 46 -26.52 5.70 9.16
CA ASP A 46 -27.61 5.80 10.13
C ASP A 46 -27.73 7.21 10.69
N TYR A 47 -26.60 7.89 10.86
CA TYR A 47 -26.60 9.21 11.50
C TYR A 47 -27.32 10.25 10.66
N VAL A 48 -26.96 10.37 9.38
CA VAL A 48 -27.57 11.38 8.51
C VAL A 48 -29.02 11.04 8.22
N ARG A 49 -29.35 9.75 8.12
CA ARG A 49 -30.72 9.35 7.80
C ARG A 49 -31.69 9.79 8.88
N ASN A 50 -31.32 9.60 10.15
CA ASN A 50 -32.20 9.97 11.25
C ASN A 50 -32.11 11.46 11.60
N TRP A 51 -31.17 12.19 11.01
CA TRP A 51 -31.01 13.61 11.33
C TRP A 51 -32.11 14.43 10.67
N ASN A 52 -32.57 15.48 11.38
CA ASN A 52 -33.65 16.31 10.85
C ASN A 52 -33.09 17.47 10.03
N PRO A 53 -33.61 17.70 8.83
CA PRO A 53 -33.06 18.77 7.98
C PRO A 53 -33.33 20.15 8.54
N GLY A 54 -32.56 21.11 8.03
CA GLY A 54 -32.61 22.48 8.53
C GLY A 54 -31.71 22.69 9.72
N PRO A 55 -31.52 23.94 10.13
CA PRO A 55 -30.66 24.22 11.27
C PRO A 55 -31.27 23.73 12.57
N LYS A 56 -30.40 23.29 13.48
CA LYS A 56 -30.85 22.81 14.78
C LYS A 56 -31.25 23.95 15.72
N TYR A 57 -30.56 25.08 15.63
CA TYR A 57 -30.85 26.25 16.46
C TYR A 57 -30.90 27.49 15.57
N ASN A 58 -31.59 28.51 16.06
CA ASN A 58 -31.79 29.74 15.29
C ASN A 58 -30.62 30.69 15.47
N HIS A 59 -30.02 31.11 14.36
CA HIS A 59 -28.99 32.14 14.36
C HIS A 59 -29.14 32.98 13.10
N ASP A 60 -28.34 34.05 13.01
CA ASP A 60 -28.56 35.09 12.02
C ASP A 60 -28.12 34.71 10.61
N ILE A 61 -27.45 33.58 10.44
CA ILE A 61 -26.96 33.15 9.13
C ILE A 61 -27.89 32.06 8.62
N LYS A 62 -28.84 32.44 7.78
CA LYS A 62 -29.87 31.53 7.28
C LYS A 62 -29.41 30.90 5.96
N ASN A 63 -28.39 30.05 6.07
CA ASN A 63 -27.83 29.36 4.91
C ASN A 63 -28.00 27.84 5.00
N VAL A 64 -28.97 27.37 5.78
CA VAL A 64 -29.27 25.94 5.89
C VAL A 64 -30.71 25.77 5.41
N GLY A 65 -30.87 25.27 4.18
CA GLY A 65 -32.19 25.18 3.58
C GLY A 65 -33.07 24.10 4.19
N SER A 66 -34.34 24.15 3.81
CA SER A 66 -35.34 23.22 4.33
C SER A 66 -35.05 21.77 3.94
N LYS A 67 -34.31 21.54 2.86
CA LYS A 67 -34.01 20.20 2.38
C LYS A 67 -32.52 19.88 2.48
N THR A 68 -31.84 20.46 3.47
CA THR A 68 -30.41 20.26 3.68
C THR A 68 -30.20 19.65 5.05
N LYS A 69 -29.35 18.64 5.13
CA LYS A 69 -28.95 18.04 6.40
C LYS A 69 -27.48 18.34 6.62
N GLN A 70 -27.17 19.07 7.69
CA GLN A 70 -25.80 19.40 8.04
C GLN A 70 -25.47 18.95 9.47
N PRO A 71 -25.47 17.64 9.74
CA PRO A 71 -25.06 17.18 11.07
C PRO A 71 -23.55 17.22 11.23
N SER A 72 -23.11 17.61 12.42
CA SER A 72 -21.69 17.62 12.72
C SER A 72 -21.35 16.50 13.69
N ASN A 73 -20.49 16.78 14.67
CA ASN A 73 -20.08 15.80 15.68
C ASN A 73 -19.44 14.57 15.03
N LEU A 74 -18.67 14.79 13.97
CA LEU A 74 -18.18 13.68 13.17
C LEU A 74 -17.09 12.88 13.88
N SER A 75 -16.35 13.50 14.81
CA SER A 75 -15.36 12.73 15.55
C SER A 75 -16.01 11.75 16.51
N LEU A 76 -17.15 12.12 17.09
CA LEU A 76 -17.88 11.20 17.95
C LEU A 76 -18.54 10.07 17.15
N MET A 77 -18.98 10.35 15.92
CA MET A 77 -19.82 9.44 15.17
C MET A 77 -19.08 8.62 14.11
N SER A 78 -17.82 8.93 13.82
CA SER A 78 -17.09 8.22 12.78
C SER A 78 -15.65 7.99 13.24
N LYS A 79 -15.29 6.72 13.42
CA LYS A 79 -13.92 6.36 13.78
C LYS A 79 -12.95 6.74 12.67
N THR A 80 -13.34 6.57 11.40
CA THR A 80 -12.45 6.91 10.31
C THR A 80 -12.17 8.41 10.25
N TYR A 81 -13.18 9.22 10.57
CA TYR A 81 -12.99 10.67 10.62
C TYR A 81 -11.90 11.05 11.62
N ARG A 82 -11.98 10.50 12.83
CA ARG A 82 -11.08 10.95 13.90
C ARG A 82 -9.74 10.24 13.88
N CYS A 83 -9.66 9.02 13.35
CA CYS A 83 -8.41 8.27 13.37
C CYS A 83 -7.59 8.46 12.10
N GLU A 84 -8.23 8.80 10.98
CA GLU A 84 -7.53 8.90 9.70
C GLU A 84 -7.73 10.26 9.04
N VAL A 85 -8.97 10.67 8.79
CA VAL A 85 -9.21 11.91 8.06
C VAL A 85 -8.57 13.10 8.76
N LEU A 86 -8.70 13.17 10.08
CA LEU A 86 -8.14 14.32 10.80
C LEU A 86 -6.61 14.29 10.84
N ASN A 87 -5.99 13.22 10.36
CA ASN A 87 -4.55 13.12 10.20
C ASN A 87 -4.09 13.41 8.77
N HIS A 88 -5.01 13.79 7.89
CA HIS A 88 -4.71 13.90 6.47
C HIS A 88 -3.52 14.82 6.21
N PRO A 89 -2.47 14.36 5.53
CA PRO A 89 -1.27 15.20 5.36
C PRO A 89 -1.52 16.48 4.58
N TRP A 90 -2.43 16.45 3.60
CA TRP A 90 -2.70 17.65 2.82
C TRP A 90 -3.31 18.75 3.68
N MET A 91 -4.23 18.40 4.57
CA MET A 91 -4.85 19.40 5.44
C MET A 91 -3.82 20.06 6.33
N HIS A 92 -2.95 19.25 6.93
CA HIS A 92 -1.97 19.80 7.87
C HIS A 92 -0.87 20.56 7.15
N ALA A 93 -0.50 20.13 5.94
CA ALA A 93 0.51 20.87 5.17
C ALA A 93 -0.01 22.26 4.79
N ILE A 94 -1.26 22.34 4.34
CA ILE A 94 -1.83 23.63 3.95
C ILE A 94 -2.07 24.50 5.18
N CYS A 95 -2.52 23.88 6.27
CA CYS A 95 -2.86 24.64 7.48
C CYS A 95 -1.62 25.23 8.13
N GLU A 96 -0.52 24.48 8.16
CA GLU A 96 0.71 24.99 8.75
C GLU A 96 1.24 26.20 7.98
N ARG A 97 1.07 26.20 6.66
CA ARG A 97 1.53 27.32 5.85
C ARG A 97 0.54 28.47 5.83
N MET A 98 -0.72 28.22 6.19
CA MET A 98 -1.72 29.29 6.23
C MET A 98 -1.71 30.03 7.57
N PHE A 99 -1.64 29.30 8.68
CA PHE A 99 -1.76 29.90 10.01
C PHE A 99 -0.44 29.96 10.77
N GLY A 100 0.53 29.11 10.44
CA GLY A 100 1.79 29.03 11.14
C GLY A 100 2.52 30.34 11.30
N PRO A 101 2.90 30.97 10.18
CA PRO A 101 3.75 32.18 10.26
C PRO A 101 3.13 33.33 11.03
N THR A 102 1.81 33.40 11.16
CA THR A 102 1.15 34.50 11.85
C THR A 102 0.56 34.11 13.19
N TYR A 103 0.00 32.90 13.31
CA TYR A 103 -0.74 32.50 14.49
C TYR A 103 -0.08 31.40 15.30
N GLY A 104 0.86 30.68 14.71
CA GLY A 104 1.46 29.52 15.38
C GLY A 104 0.60 28.28 15.17
N ASP A 105 0.10 27.70 16.26
CA ASP A 105 -0.70 26.50 16.17
C ASP A 105 -2.08 26.79 15.57
N TYR A 106 -2.66 25.75 14.96
CA TYR A 106 -4.04 25.75 14.52
C TYR A 106 -4.73 24.54 15.15
N TRP A 107 -6.07 24.54 15.13
CA TRP A 107 -6.79 23.33 15.56
C TRP A 107 -8.11 23.25 14.81
N PHE A 108 -8.84 22.17 15.10
CA PHE A 108 -10.12 21.89 14.46
C PHE A 108 -11.14 22.97 14.84
N ASN A 109 -11.90 23.42 13.84
CA ASN A 109 -12.95 24.42 14.01
C ASN A 109 -14.30 23.71 14.08
N GLY A 110 -14.69 23.09 12.98
CA GLY A 110 -15.91 22.30 12.93
C GLY A 110 -15.89 21.43 11.69
N GLY A 111 -16.85 20.52 11.64
CA GLY A 111 -16.94 19.60 10.51
C GLY A 111 -18.33 19.03 10.36
N SER A 112 -18.96 19.26 9.21
CA SER A 112 -20.35 18.91 8.99
C SER A 112 -20.48 17.99 7.79
N ILE A 113 -21.49 17.12 7.85
CA ILE A 113 -22.01 16.50 6.64
C ILE A 113 -22.72 17.57 5.82
N LEU A 114 -22.56 17.51 4.51
CA LEU A 114 -23.17 18.48 3.59
C LEU A 114 -24.06 17.69 2.64
N HIS A 115 -25.32 17.48 3.04
CA HIS A 115 -26.21 16.54 2.37
C HIS A 115 -27.39 17.29 1.78
N LEU A 116 -27.54 17.24 0.46
CA LEU A 116 -28.63 17.91 -0.24
C LEU A 116 -29.68 16.87 -0.64
N GLU A 117 -30.88 17.02 -0.12
CA GLU A 117 -31.97 16.18 -0.58
C GLU A 117 -32.38 16.59 -2.00
N PRO A 118 -32.92 15.67 -2.79
CA PRO A 118 -33.50 16.07 -4.07
C PRO A 118 -34.52 17.19 -3.87
N GLY A 119 -34.42 18.20 -4.73
CA GLY A 119 -35.33 19.33 -4.67
C GLY A 119 -34.85 20.51 -3.85
N GLU A 120 -33.72 20.39 -3.15
CA GLU A 120 -33.21 21.53 -2.39
C GLU A 120 -32.82 22.65 -3.34
N ASN A 121 -33.12 23.89 -2.94
CA ASN A 121 -32.80 25.05 -3.75
C ASN A 121 -31.38 25.54 -3.45
N THR A 122 -30.96 26.59 -4.15
CA THR A 122 -29.60 27.07 -4.06
C THR A 122 -29.36 27.76 -2.73
N GLN A 123 -28.23 27.44 -2.10
CA GLN A 123 -27.83 28.08 -0.85
C GLN A 123 -27.42 29.52 -1.11
N PRO A 124 -27.70 30.43 -0.17
CA PRO A 124 -27.19 31.80 -0.32
C PRO A 124 -25.68 31.80 -0.40
N ILE A 125 -25.15 32.64 -1.29
CA ILE A 125 -23.71 32.75 -1.47
C ILE A 125 -23.12 33.52 -0.28
N HIS A 126 -22.05 32.98 0.29
CA HIS A 126 -21.51 33.51 1.54
C HIS A 126 -20.02 33.22 1.61
N GLN A 127 -19.37 33.89 2.56
CA GLN A 127 -18.02 33.55 3.01
C GLN A 127 -18.15 32.79 4.33
N ASP A 128 -17.28 31.80 4.54
CA ASP A 128 -17.38 30.99 5.74
C ASP A 128 -17.03 31.80 6.99
N HIS A 129 -16.14 32.79 6.89
CA HIS A 129 -15.70 33.52 8.07
C HIS A 129 -16.64 34.65 8.45
N VAL A 130 -17.87 34.65 7.95
CA VAL A 130 -18.80 35.73 8.30
C VAL A 130 -19.18 35.67 9.77
N PHE A 131 -19.14 34.48 10.38
CA PHE A 131 -19.49 34.36 11.79
C PHE A 131 -18.34 34.72 12.74
N TYR A 132 -17.24 35.27 12.20
CA TYR A 132 -16.20 35.89 13.02
C TYR A 132 -16.41 37.39 12.98
N GLN A 133 -16.63 38.00 14.14
CA GLN A 133 -16.77 39.46 14.18
C GLN A 133 -15.51 40.14 13.67
N ILE A 134 -14.33 39.53 13.86
CA ILE A 134 -13.07 40.16 13.51
C ILE A 134 -12.76 40.09 12.02
N SER A 135 -13.57 39.41 11.22
CA SER A 135 -13.42 39.51 9.77
C SER A 135 -13.72 40.91 9.27
N LYS A 136 -14.58 41.65 9.99
CA LYS A 136 -14.79 43.05 9.67
C LYS A 136 -13.51 43.86 9.82
N TRP A 137 -12.63 43.44 10.73
CA TRP A 137 -11.37 44.13 10.97
C TRP A 137 -10.27 43.68 10.02
N ARG A 138 -10.44 42.51 9.40
CA ARG A 138 -9.42 41.89 8.58
C ARG A 138 -9.34 42.53 7.21
N ARG A 139 -8.13 42.57 6.68
CA ARG A 139 -7.95 43.01 5.30
C ARG A 139 -7.70 41.81 4.38
N PRO A 140 -8.06 41.89 3.11
CA PRO A 140 -7.99 40.69 2.24
C PRO A 140 -6.61 40.07 2.15
N THR A 141 -5.55 40.86 2.31
CA THR A 141 -4.20 40.31 2.22
C THR A 141 -3.76 39.59 3.49
N ASP A 142 -4.48 39.76 4.60
CA ASP A 142 -4.16 39.06 5.83
C ASP A 142 -4.40 37.55 5.65
N PRO A 143 -3.81 36.72 6.52
CA PRO A 143 -4.15 35.30 6.50
C PRO A 143 -5.63 35.10 6.75
N ASP A 144 -6.13 33.96 6.28
CA ASP A 144 -7.54 33.63 6.47
C ASP A 144 -7.80 33.28 7.93
N LEU A 145 -9.05 33.48 8.35
CA LEU A 145 -9.44 33.18 9.73
C LEU A 145 -9.79 31.72 9.93
N THR A 146 -10.04 30.99 8.84
CA THR A 146 -10.41 29.58 8.85
C THR A 146 -10.28 29.05 7.43
N ILE A 147 -10.18 27.72 7.32
CA ILE A 147 -10.13 27.07 6.02
C ILE A 147 -10.98 25.81 6.09
N ASN A 148 -11.65 25.48 5.00
CA ASN A 148 -12.56 24.35 4.97
C ASN A 148 -12.12 23.38 3.88
N PHE A 149 -12.25 22.09 4.17
CA PHE A 149 -11.99 21.03 3.20
C PHE A 149 -13.32 20.31 2.97
N THR A 150 -13.90 20.50 1.80
CA THR A 150 -15.18 19.89 1.44
C THR A 150 -14.88 18.70 0.55
N MET A 151 -15.09 17.50 1.06
CA MET A 151 -14.76 16.27 0.37
C MET A 151 -16.03 15.61 -0.14
N ALA A 152 -16.03 15.26 -1.42
CA ALA A 152 -17.20 14.65 -2.02
C ALA A 152 -17.36 13.21 -1.55
N LEU A 153 -18.57 12.86 -1.11
CA LEU A 153 -18.92 11.47 -0.86
C LEU A 153 -19.72 10.86 -2.01
N THR A 154 -20.73 11.56 -2.49
CA THR A 154 -21.31 11.31 -3.80
C THR A 154 -20.59 12.17 -4.83
N GLU A 155 -20.86 11.91 -6.10
CA GLU A 155 -20.35 12.81 -7.14
C GLU A 155 -20.92 14.21 -6.93
N PHE A 156 -20.13 15.22 -7.25
CA PHE A 156 -20.57 16.61 -7.24
C PHE A 156 -20.69 17.07 -8.69
N THR A 157 -21.88 17.49 -9.09
CA THR A 157 -22.14 17.96 -10.44
C THR A 157 -22.95 19.26 -10.36
N VAL A 158 -23.01 19.96 -11.49
CA VAL A 158 -23.83 21.17 -11.56
C VAL A 158 -25.26 20.86 -11.18
N GLU A 159 -25.83 19.82 -11.79
CA GLU A 159 -27.25 19.57 -11.67
C GLU A 159 -27.62 19.04 -10.31
N ASN A 160 -26.67 18.41 -9.56
CA ASN A 160 -26.96 17.85 -8.24
C ASN A 160 -26.64 18.77 -7.10
N GLY A 161 -26.34 20.02 -7.41
CA GLY A 161 -26.08 20.99 -6.39
C GLY A 161 -24.64 21.06 -5.96
N GLY A 162 -23.71 20.56 -6.78
CA GLY A 162 -22.30 20.72 -6.51
C GLY A 162 -21.95 22.14 -6.11
N THR A 163 -21.01 22.29 -5.17
CA THR A 163 -20.61 23.60 -4.69
C THR A 163 -20.21 24.51 -5.84
N ARG A 164 -20.50 25.80 -5.68
CA ARG A 164 -20.10 26.82 -6.63
C ARG A 164 -19.21 27.83 -5.94
N VAL A 165 -18.16 28.27 -6.63
CA VAL A 165 -17.21 29.23 -6.09
C VAL A 165 -17.12 30.42 -7.03
N CYS A 166 -16.46 31.47 -6.55
CA CYS A 166 -16.16 32.64 -7.37
C CYS A 166 -14.68 32.94 -7.28
N PRO A 167 -13.88 32.39 -8.21
CA PRO A 167 -12.42 32.57 -8.12
C PRO A 167 -12.04 34.04 -8.07
N GLY A 168 -11.11 34.37 -7.17
CA GLY A 168 -10.66 35.72 -7.01
C GLY A 168 -11.53 36.60 -6.13
N SER A 169 -12.61 36.05 -5.55
CA SER A 169 -13.47 36.83 -4.68
C SER A 169 -12.93 36.93 -3.26
N HIS A 170 -11.98 36.08 -2.88
CA HIS A 170 -11.32 36.19 -1.59
C HIS A 170 -10.50 37.47 -1.45
N LEU A 171 -10.08 38.05 -2.58
CA LEU A 171 -9.31 39.29 -2.58
C LEU A 171 -10.17 40.53 -2.57
N TRP A 172 -11.49 40.37 -2.47
CA TRP A 172 -12.38 41.52 -2.34
C TRP A 172 -12.31 42.09 -0.93
N GLU A 173 -12.59 43.38 -0.82
CA GLU A 173 -12.64 44.04 0.47
C GLU A 173 -13.92 43.67 1.21
N ASN A 174 -13.89 43.85 2.54
CA ASN A 174 -15.00 43.39 3.36
C ASN A 174 -16.31 44.11 3.07
N GLY A 175 -16.28 45.22 2.34
CA GLY A 175 -17.50 45.89 1.95
C GLY A 175 -18.08 45.44 0.62
N HIS A 176 -17.45 44.49 -0.06
CA HIS A 176 -17.88 44.11 -1.40
C HIS A 176 -19.17 43.29 -1.36
N ALA A 177 -20.09 43.63 -2.26
CA ALA A 177 -21.36 42.93 -2.33
C ALA A 177 -21.14 41.46 -2.69
N SER A 178 -22.21 40.67 -2.50
CA SER A 178 -22.18 39.27 -2.88
C SER A 178 -21.93 39.14 -4.39
N PRO A 179 -21.23 38.09 -4.82
CA PRO A 179 -21.10 37.85 -6.25
C PRO A 179 -22.45 37.55 -6.87
N ALA A 180 -22.61 37.94 -8.13
CA ALA A 180 -23.84 37.62 -8.84
C ALA A 180 -23.89 36.12 -9.13
N GLU A 181 -25.11 35.59 -9.19
CA GLU A 181 -25.28 34.16 -9.47
C GLU A 181 -24.59 33.77 -10.76
N GLU A 182 -24.60 34.67 -11.75
CA GLU A 182 -23.91 34.44 -13.00
C GLU A 182 -22.39 34.42 -12.84
N ASP A 183 -21.87 34.90 -11.71
CA ASP A 183 -20.44 34.87 -11.45
C ASP A 183 -19.96 33.57 -10.84
N MET A 184 -20.88 32.74 -10.34
CA MET A 184 -20.49 31.53 -9.60
C MET A 184 -20.09 30.42 -10.56
N VAL A 185 -19.08 29.66 -10.17
CA VAL A 185 -18.50 28.59 -10.98
C VAL A 185 -18.79 27.26 -10.27
N PRO A 186 -19.66 26.42 -10.82
CA PRO A 186 -19.86 25.09 -10.22
C PRO A 186 -18.58 24.25 -10.31
N VAL A 187 -18.40 23.39 -9.32
CA VAL A 187 -17.24 22.52 -9.28
C VAL A 187 -17.69 21.10 -9.64
N LEU A 188 -16.76 20.33 -10.18
CA LEU A 188 -17.01 18.95 -10.59
C LEU A 188 -16.12 18.02 -9.79
N MET A 189 -16.73 17.12 -9.03
CA MET A 189 -15.95 16.24 -8.16
C MET A 189 -16.52 14.83 -8.19
N GLN A 190 -15.63 13.85 -8.25
CA GLN A 190 -15.96 12.47 -8.02
C GLN A 190 -15.81 12.15 -6.53
N PRO A 191 -16.36 11.04 -6.05
CA PRO A 191 -16.19 10.70 -4.63
C PRO A 191 -14.72 10.64 -4.25
N GLY A 192 -14.38 11.39 -3.19
CA GLY A 192 -13.00 11.46 -2.73
C GLY A 192 -12.24 12.68 -3.19
N ASP A 193 -12.76 13.43 -4.16
CA ASP A 193 -12.18 14.73 -4.46
C ASP A 193 -12.48 15.70 -3.31
N ALA A 194 -11.66 16.75 -3.22
CA ALA A 194 -11.83 17.73 -2.16
C ALA A 194 -11.75 19.14 -2.71
N LEU A 195 -12.67 19.99 -2.27
CA LEU A 195 -12.64 21.41 -2.57
C LEU A 195 -12.10 22.16 -1.37
N ILE A 196 -11.10 23.01 -1.60
CA ILE A 196 -10.47 23.80 -0.55
C ILE A 196 -11.16 25.16 -0.50
N LEU A 197 -11.67 25.53 0.68
CA LEU A 197 -12.41 26.77 0.86
C LEU A 197 -11.82 27.59 2.00
N PRO A 198 -10.89 28.50 1.70
CA PRO A 198 -10.54 29.52 2.68
C PRO A 198 -11.79 30.29 3.08
N GLY A 199 -11.78 30.79 4.32
CA GLY A 199 -12.94 31.46 4.86
C GLY A 199 -13.39 32.68 4.09
N SER A 200 -12.49 33.30 3.32
CA SER A 200 -12.81 34.49 2.56
C SER A 200 -13.43 34.20 1.19
N MET A 201 -13.42 32.95 0.72
CA MET A 201 -13.94 32.63 -0.61
C MET A 201 -15.46 32.61 -0.59
N TRP A 202 -16.07 33.38 -1.50
CA TRP A 202 -17.52 33.33 -1.67
C TRP A 202 -17.92 32.04 -2.37
N HIS A 203 -18.87 31.32 -1.77
CA HIS A 203 -19.28 30.02 -2.30
C HIS A 203 -20.68 29.71 -1.81
N SER A 204 -21.27 28.65 -2.37
CA SER A 204 -22.57 28.17 -1.96
C SER A 204 -22.84 26.81 -2.61
N ALA A 205 -23.65 26.00 -1.94
CA ALA A 205 -24.18 24.81 -2.56
C ALA A 205 -25.24 25.19 -3.59
N GLY A 206 -25.36 24.37 -4.63
CA GLY A 206 -26.35 24.59 -5.66
C GLY A 206 -27.66 23.91 -5.36
N ALA A 207 -28.58 24.02 -6.31
CA ALA A 207 -29.91 23.37 -6.22
C ALA A 207 -29.78 21.91 -6.62
N ASN A 208 -30.35 20.98 -5.85
CA ASN A 208 -30.30 19.54 -6.20
C ASN A 208 -31.49 19.20 -7.10
N ARG A 209 -31.31 19.43 -8.38
CA ARG A 209 -32.33 19.14 -9.42
C ARG A 209 -32.13 17.73 -10.01
N THR A 210 -31.88 16.71 -9.17
CA THR A 210 -31.69 15.29 -9.56
C THR A 210 -32.49 14.40 -8.62
N SER A 211 -32.63 13.12 -8.93
CA SER A 211 -33.42 12.16 -8.12
C SER A 211 -32.64 11.49 -6.97
N GLU A 212 -31.37 11.81 -6.84
CA GLU A 212 -30.37 11.29 -5.90
C GLU A 212 -29.82 12.43 -5.03
N TYR A 213 -29.67 12.13 -3.74
CA TYR A 213 -29.10 13.13 -2.85
C TYR A 213 -27.64 13.41 -3.21
N ARG A 214 -27.17 14.61 -2.88
CA ARG A 214 -25.78 15.00 -3.05
C ARG A 214 -25.19 15.15 -1.65
N ARG A 215 -24.18 14.34 -1.34
CA ARG A 215 -23.60 14.36 -0.01
C ARG A 215 -22.10 14.61 -0.08
N GLY A 216 -21.63 15.52 0.77
CA GLY A 216 -20.23 15.63 1.08
C GLY A 216 -20.05 15.68 2.59
N PHE A 217 -18.80 15.82 3.01
CA PHE A 217 -18.51 16.13 4.40
C PHE A 217 -17.27 16.99 4.45
N ALA A 218 -17.09 17.67 5.58
CA ALA A 218 -16.10 18.73 5.67
C ALA A 218 -15.26 18.59 6.92
N THR A 219 -14.03 19.10 6.83
CA THR A 219 -13.24 19.48 7.99
C THR A 219 -12.89 20.96 7.87
N SER A 220 -12.65 21.60 9.00
CA SER A 220 -12.21 22.98 8.99
C SER A 220 -11.29 23.22 10.18
N PHE A 221 -10.27 24.04 9.95
CA PHE A 221 -9.31 24.39 10.98
C PHE A 221 -9.14 25.90 11.00
N HIS A 222 -8.69 26.41 12.15
CA HIS A 222 -8.52 27.85 12.32
C HIS A 222 -7.49 28.08 13.43
N PRO A 223 -6.96 29.31 13.56
CA PRO A 223 -5.84 29.53 14.50
C PRO A 223 -6.12 29.06 15.91
N CYS A 224 -5.04 28.75 16.65
CA CYS A 224 -5.18 28.29 18.02
C CYS A 224 -5.87 29.31 18.92
N HIS A 225 -5.80 30.60 18.60
CA HIS A 225 -6.35 31.63 19.47
C HIS A 225 -7.83 31.89 19.24
N PHE A 226 -8.49 31.14 18.36
CA PHE A 226 -9.92 31.30 18.12
C PHE A 226 -10.67 30.10 18.68
N THR A 227 -11.86 30.34 19.17
CA THR A 227 -12.62 29.26 19.82
C THR A 227 -13.31 28.42 18.75
N PRO A 228 -13.16 27.09 18.79
CA PRO A 228 -13.80 26.26 17.77
C PRO A 228 -15.31 26.29 17.88
N ILE A 229 -15.97 26.18 16.73
CA ILE A 229 -17.43 26.10 16.73
C ILE A 229 -17.89 24.83 17.43
N GLU A 230 -17.04 23.79 17.44
CA GLU A 230 -17.38 22.50 18.04
C GLU A 230 -16.37 22.18 19.13
N SER A 231 -16.87 21.94 20.33
CA SER A 231 -16.05 21.32 21.37
C SER A 231 -15.99 19.81 21.15
N HIS A 232 -15.04 19.17 21.83
CA HIS A 232 -14.96 17.72 21.84
C HIS A 232 -14.71 17.19 23.25
N HIS A 233 -14.92 18.01 24.28
CA HIS A 233 -14.75 17.56 25.65
C HIS A 233 -15.81 16.55 26.07
N HIS A 234 -16.85 16.35 25.25
CA HIS A 234 -17.87 15.34 25.51
C HIS A 234 -17.49 13.96 24.99
N LEU A 235 -16.37 13.84 24.27
CA LEU A 235 -15.99 12.54 23.74
C LEU A 235 -15.45 11.64 24.86
N PRO A 236 -15.63 10.33 24.74
CA PRO A 236 -15.08 9.42 25.75
C PRO A 236 -13.55 9.43 25.75
N ARG A 237 -12.98 9.11 26.90
CA ARG A 237 -11.53 9.23 27.07
C ARG A 237 -10.78 8.18 26.23
N GLU A 238 -11.28 6.95 26.18
CA GLU A 238 -10.59 5.93 25.39
C GLU A 238 -10.57 6.31 23.91
N MET A 239 -11.57 7.07 23.45
CA MET A 239 -11.49 7.65 22.10
C MET A 239 -10.31 8.60 21.99
N VAL A 240 -10.14 9.49 22.98
CA VAL A 240 -9.03 10.44 22.95
C VAL A 240 -7.70 9.72 23.01
N GLU A 241 -7.60 8.69 23.86
CA GLU A 241 -6.36 7.95 23.99
C GLU A 241 -5.99 7.21 22.71
N GLU A 242 -6.97 6.87 21.88
CA GLU A 242 -6.69 6.24 20.60
C GLU A 242 -6.31 7.24 19.52
N MET A 243 -6.54 8.53 19.73
CA MET A 243 -6.13 9.53 18.76
C MET A 243 -4.62 9.66 18.74
N THR A 244 -4.10 10.05 17.57
CA THR A 244 -2.72 10.49 17.50
C THR A 244 -2.56 11.78 18.32
N PRO A 245 -1.37 12.08 18.82
CA PRO A 245 -1.17 13.35 19.53
C PRO A 245 -1.54 14.57 18.69
N LEU A 246 -1.31 14.50 17.37
CA LEU A 246 -1.72 15.59 16.48
C LEU A 246 -3.23 15.81 16.53
N VAL A 247 -4.00 14.75 16.26
CA VAL A 247 -5.45 14.87 16.34
C VAL A 247 -5.89 15.23 17.75
N GLN A 248 -5.16 14.77 18.77
CA GLN A 248 -5.45 15.19 20.14
C GLN A 248 -5.35 16.71 20.27
N LYS A 249 -4.30 17.30 19.71
CA LYS A 249 -4.21 18.76 19.69
C LYS A 249 -5.33 19.38 18.85
N MET A 250 -5.61 18.78 17.68
CA MET A 250 -6.65 19.32 16.81
C MET A 250 -7.99 19.41 17.53
N LEU A 251 -8.31 18.40 18.34
CA LEU A 251 -9.62 18.32 18.97
C LEU A 251 -9.62 18.89 20.39
N GLY A 252 -8.60 19.66 20.76
CA GLY A 252 -8.65 20.44 21.99
C GLY A 252 -8.28 19.72 23.27
N PHE A 253 -7.39 18.73 23.19
CA PHE A 253 -6.98 18.00 24.38
C PHE A 253 -5.53 18.29 24.78
N ARG A 254 -4.90 19.27 24.14
CA ARG A 254 -3.51 19.60 24.40
C ARG A 254 -3.33 21.11 24.38
N THR A 255 -2.30 21.57 25.09
CA THR A 255 -1.95 22.98 25.10
C THR A 255 -1.45 23.42 23.72
N LEU A 256 -1.78 24.66 23.36
CA LEU A 256 -1.47 25.22 22.06
C LEU A 256 -0.38 26.27 22.18
N ASN A 257 0.43 26.38 21.14
CA ASN A 257 1.57 27.28 21.13
C ASN A 257 1.32 28.42 20.15
N LEU A 258 1.29 29.65 20.67
CA LEU A 258 1.18 30.83 19.83
C LEU A 258 2.50 31.08 19.10
N HIS A 259 2.56 32.19 18.37
CA HIS A 259 3.70 32.51 17.52
C HIS A 259 4.83 33.22 18.26
N ASN A 260 4.92 33.13 19.58
CA ASN A 260 5.97 33.83 20.31
C ASN A 260 6.24 33.15 21.65
N ASN A 261 6.33 31.83 21.64
CA ASN A 261 6.55 30.99 22.82
C ASN A 261 5.45 31.17 23.86
N VAL A 262 4.36 31.82 23.53
CA VAL A 262 3.22 32.01 24.43
C VAL A 262 2.27 30.84 24.23
N LYS A 263 1.77 30.30 25.33
CA LYS A 263 0.87 29.16 25.27
C LYS A 263 -0.53 29.59 25.69
N VAL A 264 -1.53 28.98 25.05
CA VAL A 264 -2.93 29.11 25.42
C VAL A 264 -3.47 27.70 25.62
N TRP A 265 -4.65 27.60 26.22
CA TRP A 265 -5.28 26.31 26.53
C TRP A 265 -4.36 25.48 27.43
N LYS A 266 -3.88 26.10 28.51
CA LYS A 266 -2.95 25.47 29.43
C LYS A 266 -3.64 25.18 30.77
N ALA A 267 -3.09 24.20 31.48
CA ALA A 267 -3.62 23.80 32.79
C ALA A 267 -2.78 24.48 33.86
N GLY A 268 -3.26 25.63 34.33
CA GLY A 268 -2.55 26.39 35.34
C GLY A 268 -1.19 26.86 34.87
N GLU A 269 -0.14 26.15 35.29
CA GLU A 269 1.23 26.43 34.86
C GLU A 269 1.69 25.51 33.73
N GLY A 270 1.45 24.20 33.87
CA GLY A 270 1.90 23.22 32.91
C GLY A 270 0.96 23.08 31.73
N ASN A 271 1.08 21.95 31.05
CA ASN A 271 0.27 21.65 29.88
C ASN A 271 -1.00 20.92 30.29
N LEU A 272 -2.03 21.05 29.46
CA LEU A 272 -3.29 20.35 29.73
C LEU A 272 -3.11 18.84 29.64
N GLU A 273 -2.29 18.38 28.69
CA GLU A 273 -2.09 16.94 28.52
C GLU A 273 -1.40 16.32 29.73
N ASP A 274 -0.51 17.07 30.40
CA ASP A 274 0.13 16.57 31.61
C ASP A 274 -0.82 16.57 32.80
N ALA A 275 -1.89 17.38 32.75
CA ALA A 275 -2.82 17.44 33.87
C ALA A 275 -3.84 16.32 33.82
N THR A 276 -4.20 15.84 32.64
CA THR A 276 -5.16 14.75 32.50
C THR A 276 -4.48 13.39 32.34
N GLY A 277 -3.15 13.34 32.41
CA GLY A 277 -2.46 12.09 32.19
C GLY A 277 -2.47 11.63 30.75
N LEU A 278 -2.67 12.54 29.81
CA LEU A 278 -2.74 12.21 28.39
C LEU A 278 -1.40 11.73 27.85
N PRO B 2 25.89 8.66 3.31
CA PRO B 2 25.39 7.66 4.27
C PRO B 2 24.21 6.85 3.72
N GLN B 3 24.34 5.53 3.77
CA GLN B 3 23.30 4.63 3.30
C GLN B 3 23.27 3.40 4.19
N LEU B 4 22.25 2.56 3.98
CA LEU B 4 22.04 1.37 4.78
C LEU B 4 22.86 0.21 4.24
N HIS B 5 23.58 -0.48 5.12
CA HIS B 5 24.48 -1.57 4.74
C HIS B 5 23.97 -2.90 5.26
N TYR B 6 24.11 -3.94 4.45
CA TYR B 6 23.85 -5.32 4.87
C TYR B 6 25.19 -6.05 4.86
N VAL B 7 25.65 -6.46 6.03
CA VAL B 7 26.98 -7.07 6.15
C VAL B 7 26.85 -8.51 6.67
N PRO B 8 27.76 -9.40 6.30
CA PRO B 8 27.73 -10.75 6.85
C PRO B 8 28.23 -10.77 8.29
N TYR B 9 28.03 -11.92 8.94
CA TYR B 9 28.36 -12.07 10.35
C TYR B 9 29.86 -11.91 10.58
N ASP B 10 30.68 -12.37 9.64
CA ASP B 10 32.13 -12.35 9.78
C ASP B 10 32.75 -11.03 9.33
N THR B 11 31.95 -9.98 9.20
CA THR B 11 32.50 -8.66 8.92
C THR B 11 33.45 -8.25 10.03
N PRO B 12 34.64 -7.73 9.71
CA PRO B 12 35.53 -7.26 10.77
C PRO B 12 34.86 -6.21 11.64
N VAL B 13 35.21 -6.22 12.93
CA VAL B 13 34.60 -5.29 13.88
C VAL B 13 34.89 -3.85 13.47
N GLU B 14 36.08 -3.60 12.94
CA GLU B 14 36.45 -2.25 12.52
C GLU B 14 35.54 -1.74 11.41
N ASP B 15 35.18 -2.61 10.46
CA ASP B 15 34.28 -2.19 9.39
C ASP B 15 32.89 -1.88 9.93
N VAL B 16 32.43 -2.61 10.95
CA VAL B 16 31.15 -2.31 11.58
C VAL B 16 31.21 -0.97 12.30
N MET B 17 32.28 -0.71 13.05
CA MET B 17 32.42 0.57 13.72
C MET B 17 32.51 1.72 12.74
N ARG B 18 33.19 1.51 11.60
CA ARG B 18 33.28 2.56 10.59
C ARG B 18 31.93 2.81 9.94
N ILE B 19 31.19 1.75 9.61
CA ILE B 19 29.86 1.92 9.05
C ILE B 19 28.94 2.60 10.06
N LEU B 20 29.10 2.27 11.35
CA LEU B 20 28.25 2.84 12.39
C LEU B 20 28.43 4.35 12.47
N LYS B 21 29.67 4.83 12.35
CA LYS B 21 29.89 6.26 12.53
C LYS B 21 29.64 7.05 11.25
N GLU B 22 29.76 6.41 10.08
CA GLU B 22 29.51 7.11 8.83
C GLU B 22 28.03 7.16 8.48
N SER B 23 27.30 6.08 8.75
CA SER B 23 25.88 5.99 8.37
C SER B 23 24.92 5.81 9.55
N GLY B 24 25.42 5.51 10.75
CA GLY B 24 24.60 5.51 11.93
C GLY B 24 23.82 4.25 12.22
N THR B 25 23.93 3.22 11.37
CA THR B 25 23.19 1.98 11.51
C THR B 25 23.71 1.00 10.47
N LEU B 26 23.34 -0.27 10.64
CA LEU B 26 23.66 -1.31 9.67
C LEU B 26 22.92 -2.58 10.09
N VAL B 27 22.96 -3.57 9.22
CA VAL B 27 22.34 -4.87 9.46
C VAL B 27 23.43 -5.93 9.43
N ILE B 28 23.53 -6.71 10.49
CA ILE B 28 24.41 -7.86 10.53
C ILE B 28 23.57 -9.10 10.27
N ARG B 29 23.85 -9.79 9.17
CA ARG B 29 23.06 -10.95 8.79
C ARG B 29 23.52 -12.18 9.55
N ASN B 30 22.56 -13.10 9.76
CA ASN B 30 22.83 -14.36 10.48
C ASN B 30 23.37 -14.08 11.87
N PHE B 31 22.87 -13.02 12.49
CA PHE B 31 23.28 -12.63 13.84
C PHE B 31 22.98 -13.74 14.83
N LEU B 32 21.76 -14.28 14.78
CA LEU B 32 21.37 -15.46 15.53
C LEU B 32 21.03 -16.58 14.55
N ASP B 33 21.30 -17.82 14.95
CA ASP B 33 20.87 -18.93 14.14
C ASP B 33 19.39 -19.22 14.39
N GLN B 34 18.80 -20.00 13.47
CA GLN B 34 17.36 -20.22 13.49
C GLN B 34 16.89 -20.92 14.75
N ASN B 35 17.71 -21.79 15.32
CA ASN B 35 17.29 -22.50 16.52
C ASN B 35 17.28 -21.57 17.74
N THR B 36 18.22 -20.63 17.80
CA THR B 36 18.20 -19.65 18.88
C THR B 36 16.95 -18.78 18.81
N VAL B 37 16.61 -18.31 17.60
CA VAL B 37 15.41 -17.49 17.42
C VAL B 37 14.16 -18.25 17.83
N GLN B 38 14.08 -19.54 17.48
CA GLN B 38 12.94 -20.35 17.89
C GLN B 38 12.93 -20.57 19.40
N LYS B 39 14.11 -20.78 20.00
CA LYS B 39 14.19 -21.04 21.44
C LYS B 39 13.70 -19.83 22.24
N VAL B 40 14.11 -18.63 21.84
CA VAL B 40 13.67 -17.43 22.56
C VAL B 40 12.17 -17.28 22.49
N GLN B 41 11.59 -17.48 21.30
CA GLN B 41 10.15 -17.37 21.14
C GLN B 41 9.42 -18.45 21.93
N ASP B 42 9.91 -19.69 21.86
CA ASP B 42 9.30 -20.77 22.63
C ASP B 42 9.28 -20.44 24.13
N GLU B 43 10.37 -19.88 24.64
CA GLU B 43 10.50 -19.70 26.08
C GLU B 43 9.59 -18.59 26.60
N VAL B 44 9.43 -17.51 25.81
CA VAL B 44 8.48 -16.48 26.20
C VAL B 44 7.04 -16.92 25.97
N ASP B 45 6.80 -17.86 25.05
CA ASP B 45 5.47 -18.44 24.93
C ASP B 45 5.15 -19.33 26.12
N ASP B 46 6.16 -20.05 26.64
CA ASP B 46 5.94 -20.88 27.81
C ASP B 46 5.69 -20.06 29.06
N TYR B 47 6.38 -18.93 29.19
CA TYR B 47 6.17 -18.04 30.33
C TYR B 47 4.86 -17.25 30.18
N VAL B 48 4.46 -16.95 28.96
CA VAL B 48 3.31 -16.09 28.66
C VAL B 48 3.53 -14.70 29.25
N PRO B 71 4.01 -10.88 32.41
CA PRO B 71 5.10 -10.71 31.44
C PRO B 71 6.16 -9.72 31.93
N SER B 72 7.36 -10.22 32.22
CA SER B 72 8.41 -9.38 32.80
C SER B 72 9.60 -9.27 31.86
N ASN B 73 10.80 -9.14 32.42
CA ASN B 73 12.01 -9.01 31.62
C ASN B 73 12.22 -10.27 30.77
N LEU B 74 12.83 -10.07 29.60
CA LEU B 74 13.21 -11.22 28.77
C LEU B 74 14.23 -12.10 29.46
N SER B 75 15.06 -11.52 30.34
CA SER B 75 16.01 -12.32 31.09
C SER B 75 15.32 -13.18 32.14
N LEU B 76 14.16 -12.76 32.62
CA LEU B 76 13.42 -13.60 33.56
C LEU B 76 12.67 -14.71 32.85
N MET B 77 12.13 -14.42 31.67
CA MET B 77 11.32 -15.40 30.96
C MET B 77 12.17 -16.40 30.20
N SER B 78 13.07 -15.93 29.34
CA SER B 78 13.79 -16.78 28.39
C SER B 78 15.16 -17.12 28.95
N LYS B 79 15.39 -18.41 29.18
CA LYS B 79 16.72 -18.88 29.58
C LYS B 79 17.73 -18.71 28.45
N THR B 80 17.28 -18.80 27.20
CA THR B 80 18.20 -18.62 26.08
C THR B 80 18.62 -17.16 25.95
N TYR B 81 17.70 -16.23 26.18
CA TYR B 81 18.04 -14.81 26.21
C TYR B 81 19.12 -14.52 27.24
N ARG B 82 18.95 -15.03 28.46
CA ARG B 82 19.87 -14.67 29.53
C ARG B 82 21.17 -15.46 29.48
N CYS B 83 21.14 -16.69 28.97
CA CYS B 83 22.34 -17.53 28.94
C CYS B 83 23.11 -17.45 27.63
N GLU B 84 22.43 -17.23 26.50
CA GLU B 84 23.07 -17.22 25.19
C GLU B 84 23.03 -15.84 24.53
N VAL B 85 21.86 -15.23 24.40
CA VAL B 85 21.75 -13.97 23.67
C VAL B 85 22.55 -12.87 24.36
N LEU B 86 22.43 -12.78 25.69
CA LEU B 86 23.14 -11.72 26.39
C LEU B 86 24.65 -11.92 26.42
N ASN B 87 25.14 -13.09 25.99
CA ASN B 87 26.57 -13.34 25.83
C ASN B 87 27.03 -13.20 24.38
N HIS B 88 26.19 -12.63 23.52
CA HIS B 88 26.51 -12.53 22.10
C HIS B 88 27.79 -11.74 21.87
N PRO B 89 28.80 -12.32 21.21
CA PRO B 89 30.09 -11.62 21.08
C PRO B 89 30.00 -10.33 20.27
N TRP B 90 29.09 -10.25 19.30
CA TRP B 90 28.95 -9.02 18.54
C TRP B 90 28.46 -7.86 19.41
N MET B 91 27.49 -8.12 20.28
CA MET B 91 26.98 -7.07 21.15
C MET B 91 28.10 -6.49 22.00
N HIS B 92 28.89 -7.36 22.63
CA HIS B 92 29.94 -6.89 23.52
C HIS B 92 31.14 -6.35 22.76
N ALA B 93 31.42 -6.85 21.56
CA ALA B 93 32.48 -6.26 20.74
C ALA B 93 32.15 -4.82 20.38
N ILE B 94 30.88 -4.56 20.01
CA ILE B 94 30.48 -3.21 19.59
C ILE B 94 30.39 -2.28 20.80
N CYS B 95 29.74 -2.73 21.88
CA CYS B 95 29.56 -1.88 23.05
C CYS B 95 30.89 -1.53 23.70
N GLU B 96 31.84 -2.46 23.70
CA GLU B 96 33.15 -2.19 24.29
C GLU B 96 33.83 -1.03 23.56
N ARG B 97 33.77 -1.03 22.22
CA ARG B 97 34.36 0.05 21.47
C ARG B 97 33.51 1.31 21.48
N MET B 98 32.19 1.19 21.70
CA MET B 98 31.33 2.35 21.72
C MET B 98 31.37 3.09 23.05
N PHE B 99 31.40 2.34 24.16
CA PHE B 99 31.32 2.92 25.51
C PHE B 99 32.61 2.85 26.29
N GLY B 100 33.47 1.88 26.01
CA GLY B 100 34.68 1.65 26.77
C GLY B 100 35.57 2.87 26.96
N PRO B 101 36.03 3.48 25.86
CA PRO B 101 37.03 4.56 25.99
C PRO B 101 36.56 5.74 26.84
N THR B 102 35.29 6.10 26.77
CA THR B 102 34.77 7.27 27.47
C THR B 102 34.10 6.92 28.79
N TYR B 103 33.30 5.85 28.82
CA TYR B 103 32.43 5.57 29.96
C TYR B 103 32.90 4.40 30.82
N GLY B 104 33.78 3.55 30.32
CA GLY B 104 34.20 2.37 31.06
C GLY B 104 33.25 1.22 30.83
N ASP B 105 32.76 0.63 31.91
CA ASP B 105 31.83 -0.48 31.79
C ASP B 105 30.50 -0.02 31.20
N TYR B 106 29.80 -0.96 30.57
CA TYR B 106 28.43 -0.79 30.13
C TYR B 106 27.59 -1.89 30.78
N TRP B 107 26.27 -1.76 30.70
CA TRP B 107 25.39 -2.84 31.12
C TRP B 107 24.08 -2.77 30.37
N PHE B 108 23.23 -3.77 30.62
CA PHE B 108 21.96 -3.92 29.92
C PHE B 108 21.03 -2.77 30.27
N ASN B 109 20.44 -2.16 29.26
CA ASN B 109 19.47 -1.08 29.45
C ASN B 109 18.04 -1.61 29.44
N GLY B 110 17.64 -2.25 28.34
CA GLY B 110 16.30 -2.82 28.26
C GLY B 110 16.19 -3.72 27.06
N GLY B 111 15.13 -4.52 27.05
CA GLY B 111 14.86 -5.41 25.94
C GLY B 111 13.44 -5.94 25.92
N SER B 112 12.79 -5.89 24.76
CA SER B 112 11.39 -6.25 24.65
C SER B 112 11.19 -7.11 23.40
N ILE B 113 10.00 -7.70 23.30
CA ILE B 113 9.54 -8.26 22.04
C ILE B 113 8.82 -7.16 21.28
N LEU B 114 9.06 -7.08 19.98
CA LEU B 114 8.44 -6.09 19.11
C LEU B 114 7.52 -6.84 18.16
N HIS B 115 6.23 -6.87 18.49
CA HIS B 115 5.20 -7.54 17.72
C HIS B 115 4.33 -6.49 17.04
N LEU B 116 4.36 -6.46 15.72
CA LEU B 116 3.56 -5.52 14.95
C LEU B 116 2.24 -6.18 14.56
N GLU B 117 1.16 -5.75 15.18
CA GLU B 117 -0.16 -6.30 14.90
C GLU B 117 -0.50 -6.09 13.42
N PRO B 118 -1.22 -7.02 12.78
CA PRO B 118 -1.60 -6.83 11.38
C PRO B 118 -2.50 -5.60 11.23
N GLY B 119 -2.11 -4.72 10.30
CA GLY B 119 -2.89 -3.54 10.00
C GLY B 119 -2.60 -2.32 10.84
N GLU B 120 -1.56 -2.33 11.67
CA GLU B 120 -1.30 -1.15 12.48
C GLU B 120 -0.49 -0.11 11.70
N ASN B 121 -0.61 1.14 12.15
CA ASN B 121 -0.10 2.30 11.42
C ASN B 121 1.40 2.50 11.68
N THR B 122 1.98 3.40 10.89
CA THR B 122 3.40 3.68 10.96
C THR B 122 3.76 4.33 12.30
N GLN B 123 4.83 3.83 12.91
CA GLN B 123 5.28 4.34 14.20
C GLN B 123 5.90 5.73 14.03
N PRO B 124 5.73 6.62 15.00
CA PRO B 124 6.40 7.93 14.93
C PRO B 124 7.91 7.78 14.84
N ILE B 125 8.51 8.50 13.90
CA ILE B 125 9.96 8.47 13.71
C ILE B 125 10.62 9.15 14.91
N HIS B 126 11.52 8.45 15.58
CA HIS B 126 12.07 8.93 16.84
C HIS B 126 13.52 8.51 16.98
N GLN B 127 14.20 9.11 17.95
CA GLN B 127 15.51 8.69 18.41
C GLN B 127 15.35 7.99 19.75
N ASP B 128 16.12 6.92 19.96
CA ASP B 128 15.97 6.17 21.20
C ASP B 128 16.45 6.97 22.41
N HIS B 129 17.45 7.83 22.24
CA HIS B 129 17.99 8.54 23.41
C HIS B 129 17.18 9.77 23.80
N VAL B 130 15.95 9.91 23.29
CA VAL B 130 15.15 11.08 23.61
C VAL B 130 14.80 11.10 25.09
N PHE B 131 14.63 9.94 25.72
CA PHE B 131 14.33 9.88 27.14
C PHE B 131 15.56 10.07 28.02
N TYR B 132 16.71 10.37 27.43
CA TYR B 132 17.88 10.87 28.16
C TYR B 132 17.86 12.39 28.07
N GLN B 133 17.55 13.06 29.18
CA GLN B 133 17.59 14.52 29.19
C GLN B 133 18.99 15.03 28.85
N ILE B 134 20.02 14.24 29.14
CA ILE B 134 21.40 14.65 28.86
C ILE B 134 21.74 14.61 27.38
N SER B 135 20.87 14.04 26.54
CA SER B 135 21.12 14.06 25.11
C SER B 135 21.12 15.48 24.57
N LYS B 136 20.41 16.39 25.24
CA LYS B 136 20.44 17.79 24.85
C LYS B 136 21.86 18.36 24.88
N TRP B 137 22.62 18.00 25.92
CA TRP B 137 24.00 18.48 26.03
C TRP B 137 24.92 17.77 25.04
N ARG B 138 24.53 16.60 24.56
CA ARG B 138 25.39 15.80 23.70
C ARG B 138 25.51 16.43 22.31
N ARG B 139 26.68 16.25 21.71
CA ARG B 139 26.88 16.60 20.32
C ARG B 139 26.98 15.34 19.46
N PRO B 140 26.61 15.40 18.19
CA PRO B 140 26.65 14.19 17.35
C PRO B 140 28.02 13.53 17.28
N THR B 141 29.09 14.27 17.49
CA THR B 141 30.43 13.69 17.49
C THR B 141 30.69 12.85 18.73
N ASP B 142 29.94 13.06 19.80
CA ASP B 142 30.14 12.33 21.04
C ASP B 142 29.73 10.88 20.88
N PRO B 143 30.16 10.00 21.80
CA PRO B 143 29.65 8.62 21.78
C PRO B 143 28.15 8.59 22.02
N ASP B 144 27.53 7.50 21.60
CA ASP B 144 26.09 7.37 21.80
C ASP B 144 25.78 7.10 23.28
N LEU B 145 24.56 7.43 23.66
CA LEU B 145 24.10 7.23 25.04
C LEU B 145 23.54 5.84 25.28
N THR B 146 23.19 5.12 24.22
CA THR B 146 22.61 3.79 24.30
C THR B 146 22.67 3.19 22.90
N ILE B 147 22.57 1.87 22.83
CA ILE B 147 22.59 1.17 21.56
C ILE B 147 21.61 0.02 21.65
N ASN B 148 20.94 -0.26 20.53
CA ASN B 148 19.88 -1.26 20.48
C ASN B 148 20.21 -2.27 19.39
N PHE B 149 20.00 -3.54 19.71
CA PHE B 149 20.14 -4.63 18.75
C PHE B 149 18.75 -5.21 18.53
N THR B 150 18.18 -4.95 17.36
CA THR B 150 16.84 -5.41 17.01
C THR B 150 17.00 -6.65 16.12
N MET B 151 16.60 -7.80 16.65
CA MET B 151 16.77 -9.08 15.97
C MET B 151 15.42 -9.59 15.49
N ALA B 152 15.40 -10.15 14.29
CA ALA B 152 14.16 -10.56 13.65
C ALA B 152 13.76 -11.96 14.08
N LEU B 153 12.52 -12.12 14.52
CA LEU B 153 11.94 -13.44 14.74
C LEU B 153 11.20 -13.90 13.49
N THR B 154 10.27 -13.09 12.99
CA THR B 154 9.77 -13.27 11.64
C THR B 154 10.63 -12.43 10.70
N GLU B 155 10.36 -12.56 9.40
CA GLU B 155 11.03 -11.72 8.42
C GLU B 155 10.58 -10.27 8.58
N PHE B 156 11.46 -9.36 8.17
CA PHE B 156 11.14 -7.93 8.10
C PHE B 156 11.05 -7.54 6.64
N THR B 157 9.90 -7.02 6.23
CA THR B 157 9.66 -6.59 4.86
C THR B 157 9.14 -5.16 4.88
N VAL B 158 9.13 -4.54 3.70
CA VAL B 158 8.54 -3.21 3.57
C VAL B 158 7.06 -3.25 3.89
N GLU B 159 6.38 -4.34 3.50
CA GLU B 159 4.93 -4.42 3.60
C GLU B 159 4.48 -4.67 5.04
N ASN B 160 5.21 -5.49 5.78
CA ASN B 160 4.78 -5.92 7.10
C ASN B 160 5.24 -4.98 8.22
N GLY B 161 5.69 -3.78 7.87
CA GLY B 161 6.08 -2.81 8.87
C GLY B 161 7.50 -2.94 9.34
N GLY B 162 8.39 -3.48 8.52
CA GLY B 162 9.80 -3.54 8.83
C GLY B 162 10.33 -2.18 9.26
N THR B 163 11.18 -2.19 10.29
CA THR B 163 11.76 -0.97 10.80
C THR B 163 12.45 -0.19 9.68
N ARG B 164 12.31 1.13 9.71
CA ARG B 164 12.93 2.01 8.73
C ARG B 164 13.96 2.89 9.40
N VAL B 165 15.04 3.18 8.68
CA VAL B 165 16.13 3.98 9.19
C VAL B 165 16.29 5.20 8.30
N CYS B 166 17.11 6.15 8.79
CA CYS B 166 17.54 7.30 7.98
C CYS B 166 19.04 7.41 8.12
N PRO B 167 19.80 6.76 7.23
CA PRO B 167 21.27 6.78 7.36
C PRO B 167 21.82 8.20 7.24
N GLY B 168 22.67 8.56 8.20
CA GLY B 168 23.22 9.90 8.28
C GLY B 168 22.48 10.82 9.23
N SER B 169 21.28 10.44 9.67
CA SER B 169 20.51 11.28 10.58
C SER B 169 21.04 11.27 12.00
N HIS B 170 21.93 10.33 12.33
CA HIS B 170 22.53 10.32 13.66
C HIS B 170 23.48 11.49 13.86
N LEU B 171 24.03 12.05 12.78
CA LEU B 171 24.90 13.21 12.84
C LEU B 171 24.14 14.53 12.78
N TRP B 172 22.81 14.49 12.90
CA TRP B 172 22.03 15.71 12.99
C TRP B 172 22.11 16.29 14.40
N GLU B 173 21.88 17.60 14.49
CA GLU B 173 21.95 18.29 15.77
C GLU B 173 20.64 18.11 16.53
N ASN B 174 20.64 18.60 17.78
CA ASN B 174 19.50 18.38 18.67
C ASN B 174 18.23 19.05 18.16
N GLY B 175 18.34 20.27 17.64
CA GLY B 175 17.17 20.97 17.17
C GLY B 175 16.58 20.45 15.88
N HIS B 176 17.19 19.43 15.27
CA HIS B 176 16.75 18.99 13.95
C HIS B 176 15.38 18.34 14.02
N ALA B 177 14.53 18.65 13.04
CA ALA B 177 13.20 18.09 12.98
C ALA B 177 13.27 16.62 12.60
N SER B 178 12.16 15.93 12.83
CA SER B 178 12.04 14.53 12.44
C SER B 178 12.24 14.40 10.93
N PRO B 179 12.87 13.34 10.46
CA PRO B 179 13.05 13.17 9.02
C PRO B 179 11.71 12.92 8.34
N ALA B 180 11.69 13.23 7.04
CA ALA B 180 10.48 13.03 6.25
C ALA B 180 10.21 11.54 6.06
N GLU B 181 8.93 11.19 5.92
CA GLU B 181 8.57 9.79 5.71
C GLU B 181 9.19 9.25 4.42
N GLU B 182 9.32 10.10 3.39
CA GLU B 182 9.92 9.67 2.14
C GLU B 182 11.39 9.32 2.28
N ASP B 183 12.07 9.84 3.30
CA ASP B 183 13.49 9.58 3.50
C ASP B 183 13.76 8.35 4.36
N MET B 184 12.72 7.66 4.83
CA MET B 184 12.90 6.46 5.62
C MET B 184 13.25 5.28 4.71
N VAL B 185 14.22 4.48 5.14
CA VAL B 185 14.70 3.34 4.37
C VAL B 185 14.30 2.07 5.14
N PRO B 186 13.38 1.27 4.62
CA PRO B 186 13.03 0.01 5.29
C PRO B 186 14.21 -0.95 5.28
N VAL B 187 14.20 -1.87 6.24
CA VAL B 187 15.29 -2.85 6.40
C VAL B 187 14.76 -4.22 6.02
N LEU B 188 15.61 -4.98 5.31
CA LEU B 188 15.28 -6.32 4.84
C LEU B 188 15.97 -7.33 5.75
N MET B 189 15.20 -8.07 6.54
CA MET B 189 15.77 -9.01 7.48
C MET B 189 15.02 -10.34 7.42
N GLN B 190 15.78 -11.41 7.30
CA GLN B 190 15.31 -12.77 7.55
C GLN B 190 15.42 -13.07 9.03
N PRO B 191 14.73 -14.10 9.52
CA PRO B 191 14.87 -14.48 10.93
C PRO B 191 16.32 -14.70 11.31
N GLY B 192 16.76 -14.00 12.36
CA GLY B 192 18.12 -14.11 12.84
C GLY B 192 19.04 -12.98 12.40
N ASP B 193 18.62 -12.14 11.46
CA ASP B 193 19.39 -10.94 11.18
C ASP B 193 19.20 -9.95 12.33
N ALA B 194 20.13 -9.00 12.44
CA ALA B 194 20.03 -7.96 13.46
C ALA B 194 20.25 -6.60 12.85
N LEU B 195 19.45 -5.64 13.29
CA LEU B 195 19.61 -4.23 12.94
C LEU B 195 20.22 -3.51 14.14
N ILE B 196 21.30 -2.77 13.90
CA ILE B 196 22.04 -2.08 14.96
C ILE B 196 21.54 -0.63 15.01
N LEU B 197 20.95 -0.24 16.14
CA LEU B 197 20.35 1.08 16.29
C LEU B 197 21.01 1.83 17.45
N PRO B 198 22.02 2.64 17.17
CA PRO B 198 22.51 3.58 18.19
C PRO B 198 21.42 4.57 18.56
N GLY B 199 21.55 5.10 19.79
CA GLY B 199 20.52 5.99 20.31
C GLY B 199 20.24 7.20 19.44
N SER B 200 21.19 7.60 18.60
CA SER B 200 21.05 8.81 17.78
C SER B 200 20.39 8.55 16.43
N MET B 201 20.25 7.29 16.01
CA MET B 201 19.66 7.00 14.72
C MET B 201 18.15 7.21 14.76
N TRP B 202 17.63 7.99 13.82
CA TRP B 202 16.20 8.15 13.67
C TRP B 202 15.62 6.91 13.01
N HIS B 203 14.57 6.35 13.60
CA HIS B 203 13.98 5.12 13.10
C HIS B 203 12.53 5.04 13.55
N SER B 204 11.80 4.11 12.96
CA SER B 204 10.41 3.86 13.31
C SER B 204 9.97 2.53 12.71
N ALA B 205 9.01 1.90 13.36
CA ALA B 205 8.35 0.73 12.78
C ALA B 205 7.37 1.20 11.70
N GLY B 206 7.24 0.38 10.66
CA GLY B 206 6.35 0.70 9.57
C GLY B 206 4.93 0.21 9.82
N ALA B 207 4.08 0.45 8.83
CA ALA B 207 2.72 -0.07 8.86
C ALA B 207 2.72 -1.52 8.42
N ASN B 208 2.06 -2.39 9.19
CA ASN B 208 1.97 -3.81 8.87
C ASN B 208 0.80 -4.00 7.91
N ARG B 209 1.08 -3.85 6.62
CA ARG B 209 0.04 -4.00 5.60
C ARG B 209 -0.09 -5.45 5.16
N THR B 210 0.15 -6.40 6.07
CA THR B 210 0.05 -7.81 5.75
C THR B 210 -0.87 -8.50 6.76
N SER B 211 -1.16 -9.78 6.45
CA SER B 211 -2.04 -10.61 7.26
C SER B 211 -1.34 -11.25 8.44
N GLU B 212 -0.01 -11.23 8.48
CA GLU B 212 0.76 -11.86 9.54
C GLU B 212 1.42 -10.80 10.40
N TYR B 213 1.72 -11.17 11.64
CA TYR B 213 2.40 -10.26 12.54
C TYR B 213 3.88 -10.22 12.23
N ARG B 214 4.48 -9.04 12.41
CA ARG B 214 5.92 -8.86 12.28
C ARG B 214 6.51 -8.86 13.69
N ARG B 215 7.32 -9.87 13.99
CA ARG B 215 7.81 -10.11 15.34
C ARG B 215 9.33 -9.97 15.39
N GLY B 216 9.82 -9.43 16.50
CA GLY B 216 11.24 -9.31 16.75
C GLY B 216 11.45 -9.09 18.24
N PHE B 217 12.71 -9.14 18.64
CA PHE B 217 13.07 -8.88 20.04
C PHE B 217 14.36 -8.11 20.09
N ALA B 218 14.56 -7.36 21.17
CA ALA B 218 15.65 -6.41 21.25
C ALA B 218 16.50 -6.64 22.49
N THR B 219 17.77 -6.28 22.37
CA THR B 219 18.65 -6.01 23.49
C THR B 219 19.13 -4.57 23.35
N SER B 220 19.42 -3.94 24.48
CA SER B 220 20.00 -2.61 24.46
C SER B 220 20.94 -2.46 25.64
N PHE B 221 22.02 -1.73 25.42
CA PHE B 221 23.03 -1.49 26.44
C PHE B 221 23.36 0.00 26.46
N HIS B 222 23.92 0.44 27.59
CA HIS B 222 24.29 1.85 27.74
C HIS B 222 25.32 1.94 28.86
N PRO B 223 25.99 3.10 29.00
CA PRO B 223 27.08 3.20 29.98
C PRO B 223 26.64 2.83 31.39
N CYS B 224 27.62 2.37 32.19
CA CYS B 224 27.31 1.89 33.52
C CYS B 224 26.81 3.00 34.44
N HIS B 225 27.14 4.26 34.16
CA HIS B 225 26.69 5.36 35.01
C HIS B 225 25.27 5.81 34.71
N PHE B 226 24.54 5.13 33.82
CA PHE B 226 23.15 5.45 33.52
C PHE B 226 22.24 4.37 34.06
N THR B 227 21.08 4.77 34.56
CA THR B 227 20.16 3.79 35.15
C THR B 227 19.42 3.05 34.03
N PRO B 228 19.41 1.73 34.05
CA PRO B 228 18.70 0.98 32.99
C PRO B 228 17.20 1.11 33.12
N ILE B 229 16.54 1.02 31.96
CA ILE B 229 15.07 1.03 31.91
C ILE B 229 14.50 -0.04 32.85
N GLU B 230 15.13 -1.21 32.88
CA GLU B 230 14.61 -2.39 33.57
C GLU B 230 15.54 -2.79 34.69
N SER B 231 14.97 -3.01 35.88
CA SER B 231 15.69 -3.62 36.99
C SER B 231 15.49 -5.13 36.95
N HIS B 232 16.52 -5.87 37.32
CA HIS B 232 16.45 -7.33 37.39
C HIS B 232 16.61 -7.81 38.83
N HIS B 233 16.40 -6.91 39.80
CA HIS B 233 16.54 -7.28 41.21
C HIS B 233 15.52 -8.35 41.63
N HIS B 234 14.40 -8.41 40.93
CA HIS B 234 13.33 -9.37 41.22
C HIS B 234 13.61 -10.77 40.66
N LEU B 235 14.85 -11.06 40.20
CA LEU B 235 15.11 -12.37 39.62
C LEU B 235 15.55 -13.36 40.69
N PRO B 236 15.18 -14.63 40.54
CA PRO B 236 15.63 -15.65 41.49
C PRO B 236 17.14 -15.81 41.46
N ARG B 237 17.72 -16.08 42.64
CA ARG B 237 19.17 -16.08 42.77
C ARG B 237 19.81 -17.26 42.02
N GLU B 238 19.13 -18.41 42.00
CA GLU B 238 19.66 -19.52 41.21
C GLU B 238 19.67 -19.18 39.72
N MET B 239 18.73 -18.36 39.28
CA MET B 239 18.78 -17.83 37.92
C MET B 239 20.00 -16.94 37.74
N VAL B 240 20.35 -16.17 38.78
CA VAL B 240 21.51 -15.28 38.70
C VAL B 240 22.81 -16.07 38.75
N GLU B 241 22.82 -17.16 39.52
CA GLU B 241 24.06 -17.91 39.71
C GLU B 241 24.43 -18.74 38.48
N GLU B 242 23.49 -18.99 37.56
CA GLU B 242 23.82 -19.71 36.34
C GLU B 242 24.38 -18.78 35.26
N MET B 243 24.18 -17.47 35.38
CA MET B 243 24.67 -16.54 34.38
C MET B 243 26.19 -16.49 34.38
N THR B 244 26.75 -16.16 33.22
CA THR B 244 28.17 -15.84 33.15
C THR B 244 28.45 -14.63 34.05
N PRO B 245 29.69 -14.48 34.52
CA PRO B 245 30.07 -13.21 35.15
C PRO B 245 29.82 -12.01 34.26
N LEU B 246 29.92 -12.18 32.94
CA LEU B 246 29.59 -11.10 32.02
C LEU B 246 28.13 -10.70 32.14
N VAL B 247 27.22 -11.67 32.00
CA VAL B 247 25.79 -11.37 32.05
C VAL B 247 25.39 -10.87 33.44
N GLN B 248 26.02 -11.40 34.50
CA GLN B 248 25.73 -10.91 35.85
C GLN B 248 26.02 -9.42 35.96
N LYS B 249 27.13 -8.96 35.37
CA LYS B 249 27.40 -7.53 35.34
C LYS B 249 26.42 -6.80 34.41
N MET B 250 26.04 -7.44 33.30
CA MET B 250 25.08 -6.83 32.39
C MET B 250 23.75 -6.56 33.08
N LEU B 251 23.31 -7.47 33.94
CA LEU B 251 21.98 -7.41 34.52
C LEU B 251 21.97 -6.78 35.92
N GLY B 252 23.06 -6.17 36.34
CA GLY B 252 23.03 -5.35 37.55
C GLY B 252 23.34 -6.07 38.84
N PHE B 253 24.08 -7.17 38.80
CA PHE B 253 24.42 -7.93 40.00
C PHE B 253 25.89 -7.85 40.37
N ARG B 254 26.66 -7.00 39.68
CA ARG B 254 28.07 -6.84 39.98
C ARG B 254 28.42 -5.35 39.98
N THR B 255 29.44 -5.01 40.76
CA THR B 255 29.91 -3.63 40.82
C THR B 255 30.52 -3.23 39.47
N LEU B 256 30.31 -1.98 39.08
CA LEU B 256 30.69 -1.50 37.76
C LEU B 256 31.89 -0.57 37.87
N ASN B 257 32.74 -0.63 36.84
CA ASN B 257 34.00 0.11 36.80
C ASN B 257 33.89 1.25 35.81
N LEU B 258 33.99 2.48 36.31
CA LEU B 258 33.93 3.66 35.47
C LEU B 258 35.20 3.75 34.61
N HIS B 259 35.31 4.85 33.86
CA HIS B 259 36.46 5.04 32.98
C HIS B 259 37.77 5.01 33.75
N ASN B 260 37.81 5.68 34.89
CA ASN B 260 39.04 5.98 35.60
C ASN B 260 38.96 5.41 37.00
N ASN B 261 39.29 4.13 37.17
CA ASN B 261 39.47 3.59 38.51
C ASN B 261 38.17 3.57 39.33
N VAL B 262 37.34 4.60 39.18
CA VAL B 262 36.18 4.79 40.05
C VAL B 262 35.15 3.69 39.85
N LYS B 263 34.52 3.27 40.94
CA LYS B 263 33.51 2.22 40.92
C LYS B 263 32.16 2.77 41.33
N VAL B 264 31.10 2.26 40.69
CA VAL B 264 29.73 2.58 41.04
C VAL B 264 28.96 1.26 41.18
N TRP B 265 27.76 1.36 41.73
CA TRP B 265 26.91 0.19 41.96
C TRP B 265 27.61 -0.81 42.87
N LYS B 266 28.14 -0.30 43.99
CA LYS B 266 28.80 -1.11 44.99
C LYS B 266 27.81 -1.55 46.08
N ASN B 271 32.67 -4.98 46.72
CA ASN B 271 31.84 -5.23 45.55
C ASN B 271 30.51 -5.86 45.96
N LEU B 272 29.47 -5.63 45.16
CA LEU B 272 28.14 -6.15 45.49
C LEU B 272 28.10 -7.66 45.37
N GLU B 273 28.80 -8.23 44.39
CA GLU B 273 28.78 -9.67 44.19
C GLU B 273 29.36 -10.42 45.38
N ASP B 274 30.33 -9.81 46.08
CA ASP B 274 30.90 -10.44 47.27
C ASP B 274 29.95 -10.38 48.46
N ALA B 275 29.18 -9.28 48.58
CA ALA B 275 28.28 -9.11 49.71
C ALA B 275 27.05 -10.02 49.60
N PRO C 2 24.38 19.85 -24.67
CA PRO C 2 23.96 18.68 -23.91
C PRO C 2 24.76 18.52 -22.62
N GLN C 3 24.14 17.95 -21.60
CA GLN C 3 24.80 17.68 -20.33
C GLN C 3 24.17 16.45 -19.69
N LEU C 4 24.82 15.93 -18.66
CA LEU C 4 24.27 14.82 -17.89
C LEU C 4 23.26 15.35 -16.87
N HIS C 5 22.02 14.88 -16.99
CA HIS C 5 20.94 15.27 -16.09
C HIS C 5 20.62 14.13 -15.14
N TYR C 6 20.39 14.48 -13.88
CA TYR C 6 19.86 13.57 -12.87
C TYR C 6 18.44 14.02 -12.55
N VAL C 7 17.48 13.15 -12.82
CA VAL C 7 16.08 13.53 -12.66
C VAL C 7 15.43 12.67 -11.58
N PRO C 8 14.44 13.18 -10.86
CA PRO C 8 13.73 12.35 -9.88
C PRO C 8 12.79 11.37 -10.57
N TYR C 9 12.29 10.44 -9.76
CA TYR C 9 11.51 9.31 -10.27
C TYR C 9 10.21 9.77 -10.93
N ASP C 10 9.60 10.84 -10.43
CA ASP C 10 8.31 11.30 -10.92
C ASP C 10 8.43 12.28 -12.08
N THR C 11 9.56 12.30 -12.77
CA THR C 11 9.69 13.13 -13.95
C THR C 11 8.71 12.64 -15.02
N PRO C 12 7.99 13.53 -15.70
CA PRO C 12 7.13 13.10 -16.80
C PRO C 12 7.93 12.34 -17.86
N VAL C 13 7.27 11.35 -18.46
CA VAL C 13 7.93 10.49 -19.44
C VAL C 13 8.47 11.31 -20.61
N GLU C 14 7.67 12.30 -21.09
CA GLU C 14 8.11 13.07 -22.25
C GLU C 14 9.31 13.95 -21.95
N ASP C 15 9.45 14.41 -20.70
CA ASP C 15 10.68 15.09 -20.31
C ASP C 15 11.87 14.13 -20.38
N VAL C 16 11.68 12.91 -19.89
CA VAL C 16 12.72 11.89 -19.97
C VAL C 16 13.09 11.62 -21.42
N MET C 17 12.07 11.45 -22.28
CA MET C 17 12.35 11.21 -23.69
C MET C 17 13.10 12.39 -24.31
N ARG C 18 12.67 13.62 -24.00
CA ARG C 18 13.35 14.79 -24.57
C ARG C 18 14.82 14.82 -24.19
N ILE C 19 15.11 14.61 -22.90
CA ILE C 19 16.49 14.60 -22.44
C ILE C 19 17.29 13.52 -23.16
N LEU C 20 16.67 12.35 -23.37
CA LEU C 20 17.31 11.29 -24.14
C LEU C 20 17.68 11.77 -25.55
N LYS C 21 16.75 12.47 -26.21
CA LYS C 21 17.04 12.90 -27.58
C LYS C 21 18.08 14.01 -27.61
N GLU C 22 18.07 14.90 -26.62
CA GLU C 22 19.01 16.01 -26.61
C GLU C 22 20.39 15.60 -26.11
N SER C 23 20.45 14.91 -24.97
CA SER C 23 21.74 14.60 -24.34
C SER C 23 22.21 13.17 -24.53
N GLY C 24 21.31 12.23 -24.83
CA GLY C 24 21.69 10.88 -25.15
C GLY C 24 21.81 9.92 -23.98
N THR C 25 21.51 10.37 -22.76
CA THR C 25 21.58 9.57 -21.55
C THR C 25 21.04 10.46 -20.43
N LEU C 26 20.73 9.84 -19.30
CA LEU C 26 20.32 10.54 -18.10
C LEU C 26 20.26 9.51 -16.97
N VAL C 27 20.20 10.02 -15.75
CA VAL C 27 19.99 9.19 -14.57
C VAL C 27 18.62 9.51 -14.01
N ILE C 28 17.89 8.47 -13.63
CA ILE C 28 16.64 8.58 -12.90
C ILE C 28 16.92 8.15 -11.47
N ARG C 29 16.84 9.10 -10.55
CA ARG C 29 17.11 8.80 -9.15
C ARG C 29 15.99 7.96 -8.56
N ASN C 30 16.38 7.08 -7.63
CA ASN C 30 15.44 6.20 -6.92
C ASN C 30 14.66 5.31 -7.88
N PHE C 31 15.32 4.90 -8.96
CA PHE C 31 14.71 4.01 -9.94
C PHE C 31 14.16 2.76 -9.29
N LEU C 32 14.92 2.17 -8.37
CA LEU C 32 14.48 1.08 -7.52
C LEU C 32 14.77 1.44 -6.08
N ASP C 33 14.05 0.80 -5.16
CA ASP C 33 14.43 0.90 -3.75
C ASP C 33 15.66 0.01 -3.50
N GLN C 34 16.36 0.31 -2.41
CA GLN C 34 17.59 -0.43 -2.10
C GLN C 34 17.30 -1.88 -1.78
N ASN C 35 16.15 -2.17 -1.17
CA ASN C 35 15.86 -3.55 -0.80
C ASN C 35 15.67 -4.42 -2.03
N THR C 36 15.20 -3.85 -3.14
CA THR C 36 14.96 -4.65 -4.34
C THR C 36 16.28 -5.07 -4.99
N VAL C 37 17.19 -4.10 -5.18
CA VAL C 37 18.49 -4.43 -5.75
C VAL C 37 19.29 -5.33 -4.82
N GLN C 38 19.14 -5.17 -3.51
CA GLN C 38 19.78 -6.10 -2.58
C GLN C 38 19.19 -7.49 -2.71
N LYS C 39 17.87 -7.59 -2.89
CA LYS C 39 17.24 -8.89 -3.07
C LYS C 39 17.78 -9.61 -4.31
N VAL C 40 18.01 -8.87 -5.39
CA VAL C 40 18.56 -9.49 -6.59
C VAL C 40 19.95 -10.06 -6.32
N GLN C 41 20.78 -9.29 -5.60
CA GLN C 41 22.10 -9.78 -5.25
C GLN C 41 22.01 -10.99 -4.32
N ASP C 42 21.14 -10.92 -3.30
CA ASP C 42 20.97 -12.04 -2.38
C ASP C 42 20.58 -13.32 -3.12
N GLU C 43 19.64 -13.22 -4.08
CA GLU C 43 19.18 -14.40 -4.79
C GLU C 43 20.25 -14.95 -5.71
N VAL C 44 21.02 -14.06 -6.36
CA VAL C 44 22.17 -14.50 -7.14
C VAL C 44 23.15 -15.24 -6.25
N ASP C 45 23.39 -14.72 -5.06
CA ASP C 45 24.30 -15.38 -4.12
C ASP C 45 23.80 -16.77 -3.75
N ASP C 46 22.49 -16.93 -3.57
CA ASP C 46 21.95 -18.23 -3.22
C ASP C 46 21.97 -19.19 -4.39
N TYR C 47 22.17 -18.70 -5.61
CA TYR C 47 22.28 -19.57 -6.77
C TYR C 47 23.72 -20.01 -7.02
N VAL C 48 24.66 -19.08 -6.91
CA VAL C 48 26.06 -19.37 -7.18
C VAL C 48 26.67 -20.18 -6.04
N ARG C 49 26.33 -19.81 -4.80
CA ARG C 49 26.73 -20.56 -3.60
C ARG C 49 28.25 -20.70 -3.49
N ASN C 50 28.95 -19.59 -3.65
CA ASN C 50 30.37 -19.54 -3.36
C ASN C 50 30.66 -20.07 -1.96
N TRP C 51 31.76 -20.81 -1.82
CA TRP C 51 32.22 -21.19 -0.50
C TRP C 51 32.57 -19.94 0.30
N ASN C 52 32.02 -19.84 1.51
CA ASN C 52 32.30 -18.70 2.38
C ASN C 52 33.25 -19.13 3.49
N PRO C 53 34.54 -18.81 3.40
CA PRO C 53 35.50 -19.24 4.43
C PRO C 53 35.08 -18.76 5.81
N GLY C 54 35.13 -19.69 6.78
CA GLY C 54 34.86 -19.35 8.15
C GLY C 54 35.99 -18.54 8.77
N PRO C 55 35.81 -18.17 10.05
CA PRO C 55 36.85 -17.40 10.73
C PRO C 55 38.15 -18.17 10.91
N LYS C 56 38.09 -19.49 11.08
CA LYS C 56 39.28 -20.31 11.25
C LYS C 56 39.08 -21.65 10.55
N TYR C 57 40.20 -22.37 10.38
CA TYR C 57 40.17 -23.69 9.76
C TYR C 57 39.24 -24.61 10.53
N ASN C 58 38.37 -25.30 9.82
CA ASN C 58 37.29 -26.08 10.44
C ASN C 58 37.46 -27.58 10.28
N HIS C 59 38.68 -28.05 10.02
CA HIS C 59 38.98 -29.49 9.93
C HIS C 59 38.01 -30.19 8.99
N ASP C 60 37.82 -29.59 7.82
CA ASP C 60 36.93 -30.16 6.82
C ASP C 60 37.47 -31.48 6.29
N ILE C 61 36.57 -32.44 6.08
CA ILE C 61 36.94 -33.70 5.46
C ILE C 61 35.94 -34.07 4.37
N LYS C 62 34.71 -34.38 4.77
CA LYS C 62 33.71 -34.79 3.80
C LYS C 62 33.04 -33.58 3.16
N ASN C 63 32.47 -33.81 1.97
CA ASN C 63 31.55 -32.85 1.34
C ASN C 63 32.22 -31.50 1.11
N VAL C 64 33.48 -31.52 0.69
CA VAL C 64 34.23 -30.30 0.37
C VAL C 64 34.12 -30.02 -1.13
N GLY C 65 33.88 -28.75 -1.46
CA GLY C 65 33.99 -28.29 -2.83
C GLY C 65 32.83 -28.72 -3.73
N SER C 66 32.91 -28.26 -4.97
CA SER C 66 31.97 -28.60 -6.03
C SER C 66 30.56 -28.10 -5.75
N LYS C 67 30.43 -27.03 -4.96
CA LYS C 67 29.12 -26.45 -4.68
C LYS C 67 28.82 -25.21 -5.52
N THR C 68 29.84 -24.58 -6.08
CA THR C 68 29.69 -23.29 -6.74
C THR C 68 29.26 -23.48 -8.19
N LYS C 69 28.26 -22.69 -8.62
CA LYS C 69 27.75 -22.73 -9.97
C LYS C 69 28.18 -21.48 -10.71
N GLN C 70 28.51 -21.63 -11.99
CA GLN C 70 28.78 -20.46 -12.81
C GLN C 70 27.49 -19.68 -13.01
N PRO C 71 27.57 -18.35 -13.10
CA PRO C 71 26.35 -17.54 -13.23
C PRO C 71 25.61 -17.87 -14.53
N SER C 72 24.28 -17.85 -14.45
CA SER C 72 23.42 -18.02 -15.62
C SER C 72 22.64 -16.73 -15.86
N ASN C 73 21.55 -16.82 -16.61
CA ASN C 73 20.70 -15.63 -16.81
C ASN C 73 20.24 -15.09 -15.47
N LEU C 74 20.25 -13.76 -15.36
CA LEU C 74 19.74 -13.11 -14.17
C LEU C 74 18.29 -13.50 -13.91
N SER C 75 17.52 -13.78 -14.97
CA SER C 75 16.13 -14.18 -14.78
C SER C 75 16.01 -15.58 -14.22
N LEU C 76 16.98 -16.44 -14.54
CA LEU C 76 17.01 -17.79 -13.96
C LEU C 76 17.47 -17.74 -12.51
N MET C 77 18.45 -16.88 -12.21
CA MET C 77 19.06 -16.88 -10.89
C MET C 77 18.25 -16.14 -9.84
N SER C 78 17.45 -15.14 -10.24
CA SER C 78 16.86 -14.20 -9.30
C SER C 78 15.36 -14.08 -9.55
N LYS C 79 14.57 -14.60 -8.61
CA LYS C 79 13.12 -14.48 -8.69
C LYS C 79 12.67 -13.02 -8.69
N THR C 80 13.36 -12.15 -7.94
CA THR C 80 13.00 -10.74 -7.93
C THR C 80 13.27 -10.07 -9.27
N TYR C 81 14.34 -10.49 -9.96
CA TYR C 81 14.63 -9.93 -11.27
C TYR C 81 13.55 -10.30 -12.28
N ARG C 82 13.18 -11.58 -12.34
CA ARG C 82 12.24 -12.02 -13.37
C ARG C 82 10.79 -11.66 -13.04
N CYS C 83 10.43 -11.64 -11.76
CA CYS C 83 9.04 -11.37 -11.39
C CYS C 83 8.77 -9.90 -11.10
N GLU C 84 9.76 -9.15 -10.61
CA GLU C 84 9.55 -7.76 -10.26
C GLU C 84 10.33 -6.81 -11.15
N VAL C 85 11.65 -6.97 -11.24
CA VAL C 85 12.46 -5.99 -11.96
C VAL C 85 12.01 -5.88 -13.42
N LEU C 86 11.83 -7.02 -14.08
CA LEU C 86 11.52 -6.98 -15.51
C LEU C 86 10.15 -6.41 -15.83
N ASN C 87 9.33 -6.09 -14.82
CA ASN C 87 8.06 -5.41 -15.02
C ASN C 87 8.15 -3.91 -14.75
N HIS C 88 9.35 -3.37 -14.59
CA HIS C 88 9.52 -1.99 -14.13
C HIS C 88 8.80 -1.01 -15.06
N PRO C 89 7.88 -0.19 -14.55
CA PRO C 89 7.11 0.69 -15.45
C PRO C 89 7.97 1.66 -16.24
N TRP C 90 9.05 2.18 -15.64
CA TRP C 90 9.90 3.12 -16.37
C TRP C 90 10.56 2.46 -17.57
N MET C 91 11.04 1.23 -17.41
CA MET C 91 11.70 0.54 -18.52
C MET C 91 10.75 0.36 -19.69
N HIS C 92 9.53 -0.07 -19.41
CA HIS C 92 8.57 -0.30 -20.48
C HIS C 92 8.03 1.01 -21.04
N ALA C 93 7.87 2.04 -20.20
CA ALA C 93 7.44 3.34 -20.70
C ALA C 93 8.45 3.90 -21.70
N ILE C 94 9.74 3.74 -21.41
CA ILE C 94 10.78 4.29 -22.28
C ILE C 94 10.95 3.44 -23.54
N CYS C 95 10.89 2.12 -23.40
CA CYS C 95 11.08 1.22 -24.54
C CYS C 95 9.92 1.35 -25.52
N GLU C 96 8.69 1.45 -25.01
CA GLU C 96 7.52 1.64 -25.87
C GLU C 96 7.69 2.86 -26.76
N ARG C 97 8.13 3.98 -26.16
CA ARG C 97 8.25 5.21 -26.92
C ARG C 97 9.52 5.24 -27.77
N MET C 98 10.55 4.50 -27.40
CA MET C 98 11.76 4.44 -28.22
C MET C 98 11.59 3.53 -29.43
N PHE C 99 11.04 2.32 -29.22
CA PHE C 99 10.98 1.29 -30.25
C PHE C 99 9.61 1.12 -30.90
N GLY C 100 8.54 1.35 -30.14
CA GLY C 100 7.19 1.11 -30.60
C GLY C 100 6.84 1.68 -31.97
N PRO C 101 7.05 2.99 -32.19
CA PRO C 101 6.56 3.61 -33.43
C PRO C 101 7.17 3.02 -34.69
N THR C 102 8.42 2.55 -34.66
CA THR C 102 9.04 2.01 -35.86
C THR C 102 9.17 0.50 -35.85
N TYR C 103 9.37 -0.11 -34.68
CA TYR C 103 9.66 -1.53 -34.58
C TYR C 103 8.51 -2.37 -34.05
N GLY C 104 7.49 -1.77 -33.45
CA GLY C 104 6.44 -2.53 -32.80
C GLY C 104 6.87 -3.02 -31.43
N ASP C 105 6.86 -4.34 -31.24
CA ASP C 105 7.25 -4.92 -29.97
C ASP C 105 8.77 -4.84 -29.78
N TYR C 106 9.17 -4.82 -28.51
CA TYR C 106 10.54 -4.95 -28.07
C TYR C 106 10.61 -6.14 -27.11
N TRP C 107 11.83 -6.59 -26.82
CA TRP C 107 11.98 -7.62 -25.79
C TRP C 107 13.37 -7.52 -25.17
N PHE C 108 13.62 -8.41 -24.21
CA PHE C 108 14.83 -8.40 -23.42
C PHE C 108 16.05 -8.75 -24.26
N ASN C 109 17.10 -7.95 -24.14
CA ASN C 109 18.32 -8.17 -24.92
C ASN C 109 19.30 -9.00 -24.11
N GLY C 110 19.81 -8.42 -23.02
CA GLY C 110 20.68 -9.13 -22.12
C GLY C 110 20.75 -8.39 -20.81
N GLY C 111 21.21 -9.09 -19.79
CA GLY C 111 21.31 -8.49 -18.47
C GLY C 111 22.35 -9.18 -17.62
N SER C 112 23.21 -8.43 -16.95
CA SER C 112 24.35 -9.03 -16.28
C SER C 112 24.61 -8.36 -14.94
N ILE C 113 25.23 -9.11 -14.05
CA ILE C 113 25.77 -8.55 -12.82
C ILE C 113 27.03 -7.77 -13.17
N LEU C 114 27.11 -6.54 -12.67
CA LEU C 114 28.30 -5.71 -12.81
C LEU C 114 29.07 -5.74 -11.50
N HIS C 115 30.35 -6.08 -11.57
CA HIS C 115 31.21 -6.16 -10.40
C HIS C 115 32.60 -5.69 -10.83
N LEU C 116 32.95 -4.47 -10.43
CA LEU C 116 34.22 -3.86 -10.81
C LEU C 116 35.19 -4.03 -9.64
N GLU C 117 36.22 -4.85 -9.85
CA GLU C 117 37.11 -5.20 -8.75
C GLU C 117 38.02 -4.05 -8.37
N PRO C 118 38.47 -4.00 -7.12
CA PRO C 118 39.45 -2.97 -6.72
C PRO C 118 40.68 -3.02 -7.61
N GLY C 119 41.10 -1.85 -8.09
CA GLY C 119 42.29 -1.75 -8.90
C GLY C 119 42.06 -1.88 -10.38
N GLU C 120 40.86 -2.25 -10.81
CA GLU C 120 40.58 -2.40 -12.24
C GLU C 120 40.74 -1.06 -12.95
N ASN C 121 41.37 -1.10 -14.13
CA ASN C 121 41.61 0.11 -14.90
C ASN C 121 40.34 0.50 -15.66
N THR C 122 40.40 1.64 -16.34
CA THR C 122 39.25 2.10 -17.13
C THR C 122 38.95 1.12 -18.27
N GLN C 123 37.68 0.97 -18.56
CA GLN C 123 37.17 0.14 -19.64
C GLN C 123 37.17 0.94 -20.95
N PRO C 124 37.41 0.30 -22.10
CA PRO C 124 37.37 1.04 -23.37
C PRO C 124 36.02 1.71 -23.59
N ILE C 125 36.06 2.96 -24.05
CA ILE C 125 34.85 3.72 -24.35
C ILE C 125 34.23 3.19 -25.64
N HIS C 126 32.93 2.91 -25.61
CA HIS C 126 32.28 2.21 -26.70
C HIS C 126 30.80 2.60 -26.78
N GLN C 127 30.19 2.30 -27.93
CA GLN C 127 28.74 2.32 -28.05
C GLN C 127 28.23 0.89 -27.96
N ASP C 128 27.11 0.71 -27.27
CA ASP C 128 26.56 -0.65 -27.14
C ASP C 128 26.03 -1.18 -28.46
N HIS C 129 25.60 -0.31 -29.38
CA HIS C 129 25.04 -0.79 -30.63
C HIS C 129 26.10 -1.17 -31.66
N VAL C 130 27.36 -1.28 -31.23
CA VAL C 130 28.45 -1.57 -32.16
C VAL C 130 28.35 -3.00 -32.70
N PHE C 131 27.77 -3.92 -31.94
CA PHE C 131 27.64 -5.30 -32.40
C PHE C 131 26.37 -5.53 -33.20
N TYR C 132 25.70 -4.48 -33.64
CA TYR C 132 24.67 -4.56 -34.68
C TYR C 132 25.31 -4.07 -35.98
N GLN C 133 25.54 -4.99 -36.91
CA GLN C 133 26.14 -4.59 -38.18
C GLN C 133 25.28 -3.55 -38.91
N ILE C 134 23.98 -3.53 -38.64
CA ILE C 134 23.10 -2.53 -39.24
C ILE C 134 23.25 -1.14 -38.61
N SER C 135 24.05 -1.01 -37.55
CA SER C 135 24.30 0.31 -36.97
C SER C 135 25.11 1.20 -37.90
N LYS C 136 25.88 0.61 -38.82
CA LYS C 136 26.67 1.40 -39.75
C LYS C 136 25.81 2.04 -40.84
N TRP C 137 24.63 1.48 -41.11
CA TRP C 137 23.67 2.09 -42.03
C TRP C 137 22.78 3.10 -41.34
N ARG C 138 22.69 3.07 -40.01
CA ARG C 138 21.76 3.91 -39.26
C ARG C 138 22.26 5.35 -39.22
N ARG C 139 21.29 6.31 -39.20
CA ARG C 139 21.55 7.73 -39.01
C ARG C 139 21.41 8.10 -37.53
N PRO C 140 22.15 9.09 -37.05
CA PRO C 140 22.03 9.47 -35.63
C PRO C 140 20.64 9.95 -35.26
N THR C 141 19.86 10.46 -36.22
CA THR C 141 18.49 10.84 -35.97
C THR C 141 17.59 9.64 -35.76
N ASP C 142 17.94 8.50 -36.34
CA ASP C 142 17.11 7.31 -36.30
C ASP C 142 16.89 6.84 -34.85
N PRO C 143 15.84 6.06 -34.61
CA PRO C 143 15.68 5.43 -33.29
C PRO C 143 16.88 4.55 -32.96
N ASP C 144 17.10 4.35 -31.66
CA ASP C 144 18.20 3.53 -31.21
C ASP C 144 17.92 2.04 -31.45
N LEU C 145 18.99 1.27 -31.57
CA LEU C 145 18.91 -0.16 -31.81
C LEU C 145 18.76 -0.98 -30.54
N THR C 146 19.16 -0.43 -29.39
CA THR C 146 19.08 -1.09 -28.10
C THR C 146 19.17 -0.03 -27.01
N ILE C 147 18.72 -0.38 -25.81
CA ILE C 147 18.81 0.50 -24.65
C ILE C 147 19.18 -0.33 -23.43
N ASN C 148 19.96 0.28 -22.54
CA ASN C 148 20.44 -0.40 -21.34
C ASN C 148 20.08 0.42 -20.11
N PHE C 149 19.65 -0.26 -19.06
CA PHE C 149 19.39 0.32 -17.75
C PHE C 149 20.41 -0.25 -16.77
N THR C 150 21.33 0.59 -16.32
CA THR C 150 22.35 0.18 -15.37
C THR C 150 21.93 0.66 -13.98
N MET C 151 21.55 -0.30 -13.14
CA MET C 151 21.08 -0.05 -11.76
C MET C 151 22.21 -0.22 -10.73
N ALA C 152 22.35 0.75 -9.83
CA ALA C 152 23.44 0.69 -8.84
C ALA C 152 23.05 -0.18 -7.66
N LEU C 153 23.95 -1.10 -7.29
CA LEU C 153 23.83 -1.81 -6.01
C LEU C 153 24.68 -1.11 -4.96
N THR C 154 25.97 -0.96 -5.21
CA THR C 154 26.80 -0.06 -4.42
C THR C 154 26.62 1.36 -4.94
N GLU C 155 27.12 2.31 -4.16
CA GLU C 155 27.26 3.67 -4.64
C GLU C 155 28.16 3.68 -5.88
N PHE C 156 27.83 4.55 -6.82
CA PHE C 156 28.68 4.84 -7.97
C PHE C 156 29.38 6.17 -7.70
N THR C 157 30.70 6.15 -7.59
CA THR C 157 31.47 7.36 -7.36
C THR C 157 32.45 7.52 -8.51
N VAL C 158 33.07 8.70 -8.60
CA VAL C 158 34.14 8.88 -9.56
C VAL C 158 35.27 7.90 -9.29
N GLU C 159 35.64 7.75 -8.01
CA GLU C 159 36.84 7.01 -7.65
C GLU C 159 36.65 5.50 -7.72
N ASN C 160 35.42 4.98 -7.56
CA ASN C 160 35.21 3.55 -7.65
C ASN C 160 34.81 3.09 -9.06
N GLY C 161 34.89 3.98 -10.05
CA GLY C 161 34.69 3.58 -11.41
C GLY C 161 33.29 3.78 -11.96
N GLY C 162 32.48 4.63 -11.31
CA GLY C 162 31.17 4.98 -11.81
C GLY C 162 31.18 5.26 -13.30
N THR C 163 30.20 4.70 -14.01
CA THR C 163 30.15 4.79 -15.47
C THR C 163 30.37 6.21 -15.94
N ARG C 164 31.16 6.36 -16.99
CA ARG C 164 31.35 7.66 -17.63
C ARG C 164 30.58 7.68 -18.94
N VAL C 165 29.94 8.81 -19.20
CA VAL C 165 29.20 9.04 -20.44
C VAL C 165 29.76 10.32 -21.08
N CYS C 166 29.41 10.51 -22.34
CA CYS C 166 29.76 11.71 -23.10
C CYS C 166 28.46 12.27 -23.67
N PRO C 167 27.79 13.16 -22.94
CA PRO C 167 26.50 13.68 -23.41
C PRO C 167 26.62 14.33 -24.77
N GLY C 168 25.64 14.05 -25.64
CA GLY C 168 25.62 14.55 -27.00
C GLY C 168 26.35 13.69 -28.01
N SER C 169 27.21 12.77 -27.56
CA SER C 169 27.98 11.94 -28.49
C SER C 169 27.12 10.93 -29.23
N HIS C 170 25.87 10.74 -28.81
CA HIS C 170 24.93 9.90 -29.55
C HIS C 170 24.54 10.51 -30.90
N LEU C 171 24.67 11.82 -31.05
CA LEU C 171 24.31 12.50 -32.30
C LEU C 171 25.46 12.53 -33.30
N TRP C 172 26.67 12.12 -32.90
CA TRP C 172 27.79 12.07 -33.83
C TRP C 172 27.49 11.11 -34.97
N GLU C 173 28.06 11.41 -36.14
CA GLU C 173 27.91 10.51 -37.28
C GLU C 173 28.66 9.20 -37.02
N ASN C 174 28.24 8.15 -37.72
CA ASN C 174 28.95 6.89 -37.63
C ASN C 174 30.35 7.05 -38.21
N GLY C 175 31.30 6.34 -37.61
CA GLY C 175 32.70 6.50 -37.96
C GLY C 175 33.42 7.59 -37.18
N HIS C 176 32.69 8.41 -36.44
CA HIS C 176 33.32 9.38 -35.55
C HIS C 176 34.22 8.67 -34.54
N ALA C 177 35.38 9.26 -34.28
CA ALA C 177 36.26 8.69 -33.28
C ALA C 177 35.58 8.70 -31.92
N SER C 178 36.00 7.78 -31.06
CA SER C 178 35.52 7.77 -29.69
C SER C 178 35.86 9.10 -29.03
N PRO C 179 35.10 9.49 -28.01
CA PRO C 179 35.45 10.70 -27.26
C PRO C 179 36.79 10.53 -26.55
N ALA C 180 37.44 11.66 -26.30
CA ALA C 180 38.67 11.65 -25.52
C ALA C 180 38.32 11.42 -24.04
N GLU C 181 39.34 11.01 -23.28
CA GLU C 181 39.13 10.79 -21.85
C GLU C 181 38.59 12.03 -21.17
N GLU C 182 39.08 13.21 -21.58
CA GLU C 182 38.64 14.46 -20.97
C GLU C 182 37.21 14.84 -21.37
N ASP C 183 36.65 14.18 -22.39
CA ASP C 183 35.25 14.41 -22.77
C ASP C 183 34.26 13.67 -21.89
N MET C 184 34.72 12.69 -21.12
CA MET C 184 33.82 11.80 -20.39
C MET C 184 33.36 12.44 -19.09
N VAL C 185 32.13 12.10 -18.70
CA VAL C 185 31.50 12.65 -17.50
C VAL C 185 31.13 11.47 -16.61
N PRO C 186 31.67 11.37 -15.41
CA PRO C 186 31.34 10.23 -14.55
C PRO C 186 29.93 10.35 -14.02
N VAL C 187 29.32 9.20 -13.78
CA VAL C 187 27.94 9.11 -13.31
C VAL C 187 27.97 8.77 -11.82
N LEU C 188 27.36 9.62 -11.01
CA LEU C 188 27.36 9.49 -9.56
C LEU C 188 25.97 9.04 -9.12
N MET C 189 25.89 7.86 -8.51
CA MET C 189 24.60 7.27 -8.17
C MET C 189 24.64 6.69 -6.78
N GLN C 190 23.50 6.73 -6.11
CA GLN C 190 23.26 5.98 -4.88
C GLN C 190 22.59 4.65 -5.22
N PRO C 191 22.65 3.67 -4.32
CA PRO C 191 21.97 2.39 -4.58
C PRO C 191 20.51 2.62 -4.96
N GLY C 192 20.09 1.98 -6.06
CA GLY C 192 18.75 2.11 -6.58
C GLY C 192 18.61 3.07 -7.75
N ASP C 193 19.48 4.08 -7.83
CA ASP C 193 19.52 4.92 -9.03
C ASP C 193 19.81 4.08 -10.27
N ALA C 194 19.42 4.61 -11.43
CA ALA C 194 19.68 3.90 -12.68
C ALA C 194 20.12 4.85 -13.78
N LEU C 195 21.12 4.42 -14.52
CA LEU C 195 21.63 5.16 -15.68
C LEU C 195 20.97 4.61 -16.94
N ILE C 196 20.40 5.49 -17.74
CA ILE C 196 19.77 5.13 -19.01
C ILE C 196 20.80 5.30 -20.12
N LEU C 197 21.13 4.20 -20.80
CA LEU C 197 22.14 4.19 -21.85
C LEU C 197 21.55 3.65 -23.15
N PRO C 198 21.09 4.51 -24.06
CA PRO C 198 20.77 4.04 -25.41
C PRO C 198 22.02 3.52 -26.11
N GLY C 199 21.80 2.74 -27.16
CA GLY C 199 22.91 2.09 -27.84
C GLY C 199 23.90 3.05 -28.47
N SER C 200 23.48 4.28 -28.76
CA SER C 200 24.36 5.25 -29.41
C SER C 200 25.20 6.07 -28.44
N MET C 201 24.96 5.96 -27.14
CA MET C 201 25.74 6.73 -26.18
C MET C 201 27.12 6.09 -26.00
N TRP C 202 28.18 6.88 -26.21
CA TRP C 202 29.51 6.43 -25.85
C TRP C 202 29.66 6.40 -24.33
N HIS C 203 30.15 5.29 -23.79
CA HIS C 203 30.28 5.16 -22.35
C HIS C 203 31.34 4.12 -22.02
N SER C 204 31.73 4.08 -20.74
CA SER C 204 32.70 3.11 -20.28
C SER C 204 32.71 3.14 -18.75
N ALA C 205 33.10 2.01 -18.16
CA ALA C 205 33.32 1.97 -16.72
C ALA C 205 34.60 2.70 -16.37
N GLY C 206 34.60 3.38 -15.23
CA GLY C 206 35.80 4.05 -14.77
C GLY C 206 36.76 3.10 -14.10
N ALA C 207 37.96 3.60 -13.83
CA ALA C 207 38.91 2.87 -13.02
C ALA C 207 38.44 2.83 -11.58
N ASN C 208 38.49 1.65 -10.96
CA ASN C 208 38.06 1.51 -9.57
C ASN C 208 39.32 1.67 -8.73
N ARG C 209 39.57 2.88 -8.22
CA ARG C 209 40.78 3.21 -7.43
C ARG C 209 40.52 3.10 -5.90
N THR C 210 39.43 2.48 -5.48
CA THR C 210 39.07 2.22 -4.08
C THR C 210 39.29 0.75 -3.74
N SER C 211 39.21 0.43 -2.45
CA SER C 211 39.45 -0.92 -1.96
C SER C 211 38.19 -1.77 -1.97
N GLU C 212 37.06 -1.25 -2.46
CA GLU C 212 35.81 -1.98 -2.44
C GLU C 212 35.25 -2.11 -3.85
N TYR C 213 34.53 -3.21 -4.08
CA TYR C 213 33.93 -3.46 -5.38
C TYR C 213 32.87 -2.42 -5.71
N ARG C 214 32.75 -2.09 -6.98
CA ARG C 214 31.61 -1.35 -7.50
C ARG C 214 30.65 -2.34 -8.12
N ARG C 215 29.42 -2.39 -7.61
CA ARG C 215 28.48 -3.44 -7.97
C ARG C 215 27.17 -2.86 -8.45
N GLY C 216 26.43 -3.70 -9.17
CA GLY C 216 25.16 -3.30 -9.75
C GLY C 216 24.76 -4.34 -10.78
N PHE C 217 23.73 -4.02 -11.55
CA PHE C 217 23.39 -4.92 -12.64
C PHE C 217 22.65 -4.14 -13.71
N ALA C 218 22.54 -4.76 -14.86
CA ALA C 218 22.04 -4.10 -16.05
C ALA C 218 20.89 -4.90 -16.64
N THR C 219 19.97 -4.20 -17.28
N THR C 219 19.99 -4.12 -17.33
CA THR C 219 18.97 -4.80 -18.15
CA THR C 219 18.99 -4.72 -18.20
C THR C 219 19.01 -4.06 -19.47
C THR C 219 19.03 -3.98 -19.52
N SER C 220 18.71 -4.78 -20.55
CA SER C 220 18.72 -4.18 -21.87
C SER C 220 17.57 -4.74 -22.67
N PHE C 221 16.94 -3.88 -23.47
CA PHE C 221 15.84 -4.25 -24.35
C PHE C 221 16.14 -3.73 -25.75
N HIS C 222 15.58 -4.39 -26.75
CA HIS C 222 15.81 -3.99 -28.13
C HIS C 222 14.66 -4.50 -28.98
N PRO C 223 14.51 -4.00 -30.22
CA PRO C 223 13.35 -4.35 -31.04
C PRO C 223 13.15 -5.85 -31.19
N CYS C 224 11.88 -6.24 -31.38
CA CYS C 224 11.55 -7.66 -31.47
C CYS C 224 12.19 -8.34 -32.68
N HIS C 225 12.55 -7.59 -33.72
CA HIS C 225 13.13 -8.23 -34.90
C HIS C 225 14.63 -8.43 -34.79
N PHE C 226 15.23 -8.11 -33.64
CA PHE C 226 16.64 -8.36 -33.38
C PHE C 226 16.78 -9.50 -32.40
N THR C 227 17.85 -10.28 -32.59
CA THR C 227 18.06 -11.46 -31.78
C THR C 227 18.72 -11.08 -30.45
N PRO C 228 18.12 -11.46 -29.32
CA PRO C 228 18.70 -11.08 -28.03
C PRO C 228 20.06 -11.71 -27.80
N ILE C 229 20.88 -11.04 -27.00
CA ILE C 229 22.16 -11.63 -26.60
C ILE C 229 21.93 -12.94 -25.85
N GLU C 230 20.85 -13.02 -25.09
CA GLU C 230 20.62 -14.15 -24.20
C GLU C 230 19.41 -14.95 -24.64
N SER C 231 19.55 -16.26 -24.57
CA SER C 231 18.45 -17.20 -24.70
C SER C 231 17.92 -17.58 -23.32
N HIS C 232 16.60 -17.67 -23.20
CA HIS C 232 15.97 -18.17 -21.98
C HIS C 232 15.26 -19.49 -22.21
N HIS C 233 15.63 -20.20 -23.28
CA HIS C 233 14.93 -21.42 -23.68
C HIS C 233 15.11 -22.54 -22.67
N HIS C 234 16.20 -22.51 -21.89
CA HIS C 234 16.50 -23.52 -20.89
C HIS C 234 15.78 -23.30 -19.56
N LEU C 235 14.96 -22.25 -19.45
CA LEU C 235 14.31 -21.96 -18.18
C LEU C 235 13.19 -22.97 -17.91
N PRO C 236 13.01 -23.41 -16.67
CA PRO C 236 11.94 -24.36 -16.36
C PRO C 236 10.57 -23.75 -16.57
N ARG C 237 9.61 -24.62 -16.94
CA ARG C 237 8.27 -24.14 -17.27
C ARG C 237 7.59 -23.48 -16.08
N GLU C 238 7.84 -23.97 -14.86
CA GLU C 238 7.30 -23.32 -13.67
C GLU C 238 7.64 -21.83 -13.66
N MET C 239 8.91 -21.50 -13.91
CA MET C 239 9.35 -20.11 -13.93
C MET C 239 8.57 -19.31 -14.96
N VAL C 240 8.43 -19.84 -16.17
CA VAL C 240 7.72 -19.10 -17.22
C VAL C 240 6.30 -18.83 -16.80
N GLU C 241 5.63 -19.83 -16.21
CA GLU C 241 4.23 -19.68 -15.83
C GLU C 241 4.04 -18.73 -14.66
N GLU C 242 5.08 -18.54 -13.83
CA GLU C 242 4.99 -17.54 -12.77
C GLU C 242 5.32 -16.14 -13.27
N MET C 243 5.81 -16.00 -14.50
CA MET C 243 6.05 -14.68 -15.09
C MET C 243 4.73 -14.04 -15.51
N THR C 244 4.70 -12.72 -15.48
CA THR C 244 3.60 -11.99 -16.10
C THR C 244 3.66 -12.20 -17.62
N PRO C 245 2.52 -12.10 -18.30
CA PRO C 245 2.55 -12.18 -19.76
C PRO C 245 3.49 -11.16 -20.38
N LEU C 246 3.67 -10.00 -19.74
CA LEU C 246 4.65 -9.03 -20.24
C LEU C 246 6.06 -9.62 -20.20
N VAL C 247 6.43 -10.22 -19.06
CA VAL C 247 7.78 -10.74 -18.92
C VAL C 247 7.96 -12.00 -19.76
N GLN C 248 6.90 -12.79 -19.92
CA GLN C 248 6.94 -13.91 -20.84
C GLN C 248 7.31 -13.45 -22.25
N LYS C 249 6.75 -12.32 -22.69
CA LYS C 249 7.11 -11.81 -24.01
C LYS C 249 8.53 -11.25 -24.02
N MET C 250 8.95 -10.60 -22.92
CA MET C 250 10.31 -10.09 -22.85
C MET C 250 11.34 -11.20 -23.02
N LEU C 251 11.09 -12.36 -22.42
CA LEU C 251 12.08 -13.43 -22.34
C LEU C 251 11.93 -14.47 -23.45
N GLY C 252 11.18 -14.17 -24.50
CA GLY C 252 11.18 -15.02 -25.67
C GLY C 252 10.24 -16.20 -25.66
N PHE C 253 9.14 -16.13 -24.91
CA PHE C 253 8.18 -17.22 -24.83
C PHE C 253 6.85 -16.89 -25.49
N ARG C 254 6.74 -15.74 -26.16
CA ARG C 254 5.51 -15.36 -26.84
C ARG C 254 5.83 -14.82 -28.23
N THR C 255 4.84 -14.88 -29.10
CA THR C 255 4.98 -14.32 -30.44
C THR C 255 5.01 -12.80 -30.35
N LEU C 256 5.81 -12.19 -31.22
CA LEU C 256 6.04 -10.76 -31.19
C LEU C 256 5.39 -10.10 -32.40
N ASN C 257 4.94 -8.86 -32.21
CA ASN C 257 4.24 -8.10 -33.24
C ASN C 257 5.12 -6.97 -33.73
N LEU C 258 5.46 -7.01 -35.02
CA LEU C 258 6.14 -5.88 -35.63
C LEU C 258 5.16 -4.72 -35.80
N HIS C 259 5.70 -3.56 -36.20
CA HIS C 259 4.86 -2.38 -36.33
C HIS C 259 3.78 -2.57 -37.41
N ASN C 260 4.06 -3.38 -38.43
CA ASN C 260 3.11 -3.74 -39.45
C ASN C 260 2.10 -4.78 -38.98
N ASN C 261 2.19 -5.19 -37.72
CA ASN C 261 1.42 -6.29 -37.13
C ASN C 261 1.74 -7.63 -37.78
N VAL C 262 2.71 -7.66 -38.71
CA VAL C 262 3.31 -8.92 -39.09
C VAL C 262 4.00 -9.49 -37.86
N LYS C 263 3.82 -10.77 -37.62
CA LYS C 263 4.31 -11.40 -36.41
C LYS C 263 5.59 -12.18 -36.69
N VAL C 264 6.53 -12.12 -35.75
CA VAL C 264 7.74 -12.92 -35.79
C VAL C 264 7.75 -13.83 -34.56
N TRP C 265 8.71 -14.76 -34.54
CA TRP C 265 8.83 -15.69 -33.43
C TRP C 265 7.54 -16.48 -33.21
N LYS C 266 6.92 -16.92 -34.31
CA LYS C 266 5.66 -17.65 -34.25
C LYS C 266 5.90 -19.15 -34.09
N ALA C 267 4.80 -19.89 -33.98
CA ALA C 267 4.81 -21.35 -34.01
C ALA C 267 4.03 -21.81 -35.24
N GLY C 268 4.63 -21.63 -36.42
CA GLY C 268 3.98 -21.99 -37.67
C GLY C 268 2.65 -21.30 -37.86
N GLU C 269 2.70 -20.00 -38.19
CA GLU C 269 1.52 -19.16 -38.42
C GLU C 269 0.74 -18.89 -37.13
N GLY C 270 0.82 -19.80 -36.15
CA GLY C 270 0.17 -19.58 -34.87
C GLY C 270 1.12 -18.94 -33.86
N ASN C 271 0.55 -18.57 -32.72
CA ASN C 271 1.32 -17.93 -31.65
C ASN C 271 2.09 -18.96 -30.85
N LEU C 272 3.32 -18.61 -30.45
CA LEU C 272 4.17 -19.56 -29.74
C LEU C 272 3.56 -19.97 -28.41
N GLU C 273 2.93 -19.03 -27.70
CA GLU C 273 2.35 -19.33 -26.40
C GLU C 273 1.18 -20.30 -26.50
N ASP C 274 0.53 -20.38 -27.66
CA ASP C 274 -0.54 -21.35 -27.84
C ASP C 274 0.02 -22.74 -28.10
N ALA C 275 1.13 -22.83 -28.84
CA ALA C 275 1.74 -24.13 -29.12
C ALA C 275 2.34 -24.75 -27.87
N THR C 276 2.75 -23.93 -26.90
CA THR C 276 3.32 -24.43 -25.66
C THR C 276 2.31 -24.42 -24.51
N GLY C 277 1.06 -24.05 -24.77
CA GLY C 277 0.03 -24.07 -23.75
C GLY C 277 0.36 -23.28 -22.51
N LEU C 278 0.69 -22.00 -22.67
CA LEU C 278 1.11 -21.18 -21.55
C LEU C 278 -0.06 -20.59 -20.79
N LYS C 279 -1.13 -20.22 -21.51
CA LYS C 279 -2.30 -19.52 -20.97
C LYS C 279 -1.95 -18.10 -20.52
N PRO D 2 -24.40 6.95 -11.37
CA PRO D 2 -24.41 5.62 -10.75
C PRO D 2 -23.53 5.54 -9.51
N GLN D 3 -24.03 4.88 -8.47
CA GLN D 3 -23.32 4.71 -7.22
C GLN D 3 -23.59 3.30 -6.69
N LEU D 4 -22.91 2.94 -5.60
CA LEU D 4 -23.21 1.69 -4.88
C LEU D 4 -24.31 1.98 -3.87
N HIS D 5 -25.47 1.37 -4.08
CA HIS D 5 -26.62 1.57 -3.22
C HIS D 5 -26.76 0.39 -2.25
N TYR D 6 -27.05 0.71 -1.00
CA TYR D 6 -27.45 -0.26 0.01
C TYR D 6 -28.91 -0.02 0.35
N VAL D 7 -29.74 -1.06 0.23
CA VAL D 7 -31.18 -0.88 0.38
C VAL D 7 -31.73 -1.86 1.42
N PRO D 8 -32.82 -1.52 2.11
CA PRO D 8 -33.39 -2.43 3.10
C PRO D 8 -34.14 -3.58 2.43
N TYR D 9 -34.46 -4.60 3.25
CA TYR D 9 -35.11 -5.79 2.73
C TYR D 9 -36.46 -5.48 2.08
N ASP D 10 -37.20 -4.50 2.61
CA ASP D 10 -38.54 -4.21 2.13
C ASP D 10 -38.57 -3.26 0.94
N THR D 11 -37.43 -2.96 0.34
CA THR D 11 -37.39 -2.15 -0.86
C THR D 11 -38.28 -2.78 -1.94
N PRO D 12 -39.16 -2.00 -2.58
CA PRO D 12 -39.99 -2.56 -3.64
C PRO D 12 -39.14 -3.14 -4.76
N VAL D 13 -39.62 -4.24 -5.33
CA VAL D 13 -38.88 -4.92 -6.39
C VAL D 13 -38.55 -3.95 -7.53
N GLU D 14 -39.51 -3.10 -7.89
CA GLU D 14 -39.27 -2.21 -9.03
C GLU D 14 -38.14 -1.22 -8.74
N ASP D 15 -37.96 -0.82 -7.47
CA ASP D 15 -36.83 0.02 -7.12
C ASP D 15 -35.52 -0.73 -7.34
N VAL D 16 -35.45 -1.98 -6.86
CA VAL D 16 -34.24 -2.78 -6.98
C VAL D 16 -33.87 -2.99 -8.45
N MET D 17 -34.86 -3.28 -9.30
CA MET D 17 -34.55 -3.47 -10.71
C MET D 17 -34.11 -2.17 -11.37
N ARG D 18 -34.66 -1.03 -10.95
CA ARG D 18 -34.23 0.25 -11.50
C ARG D 18 -32.78 0.53 -11.13
N ILE D 19 -32.42 0.31 -9.86
CA ILE D 19 -31.04 0.51 -9.43
C ILE D 19 -30.10 -0.44 -10.17
N LEU D 20 -30.50 -1.71 -10.30
CA LEU D 20 -29.72 -2.65 -11.10
C LEU D 20 -29.50 -2.12 -12.51
N LYS D 21 -30.55 -1.57 -13.12
CA LYS D 21 -30.43 -1.05 -14.48
C LYS D 21 -29.50 0.17 -14.53
N GLU D 22 -29.57 1.03 -13.52
CA GLU D 22 -28.84 2.29 -13.56
C GLU D 22 -27.38 2.11 -13.13
N SER D 23 -27.15 1.42 -12.02
CA SER D 23 -25.81 1.29 -11.47
C SER D 23 -25.19 -0.09 -11.65
N GLY D 24 -25.98 -1.10 -12.01
CA GLY D 24 -25.45 -2.41 -12.34
C GLY D 24 -25.20 -3.32 -11.15
N THR D 25 -25.46 -2.86 -9.93
CA THR D 25 -25.20 -3.62 -8.72
C THR D 25 -25.85 -2.89 -7.55
N LEU D 26 -26.06 -3.61 -6.45
CA LEU D 26 -26.57 -3.04 -5.22
C LEU D 26 -26.44 -4.09 -4.13
N VAL D 27 -26.65 -3.64 -2.88
CA VAL D 27 -26.66 -4.51 -1.72
C VAL D 27 -28.04 -4.46 -1.10
N ILE D 28 -28.58 -5.62 -0.76
CA ILE D 28 -29.82 -5.73 0.00
C ILE D 28 -29.44 -6.11 1.43
N ARG D 29 -29.64 -5.19 2.37
CA ARG D 29 -29.25 -5.45 3.75
C ARG D 29 -30.21 -6.45 4.38
N ASN D 30 -29.66 -7.31 5.24
CA ASN D 30 -30.43 -8.34 5.93
C ASN D 30 -31.16 -9.25 4.96
N PHE D 31 -30.52 -9.51 3.81
CA PHE D 31 -31.04 -10.44 2.82
C PHE D 31 -31.38 -11.79 3.44
N LEU D 32 -30.48 -12.30 4.27
CA LEU D 32 -30.74 -13.45 5.12
C LEU D 32 -30.53 -13.05 6.58
N ASP D 33 -31.16 -13.79 7.49
CA ASP D 33 -30.81 -13.66 8.89
C ASP D 33 -29.47 -14.35 9.13
N GLN D 34 -28.76 -13.90 10.17
CA GLN D 34 -27.44 -14.44 10.43
C GLN D 34 -27.48 -15.94 10.71
N ASN D 35 -28.55 -16.42 11.36
CA ASN D 35 -28.64 -17.84 11.68
C ASN D 35 -28.67 -18.70 10.42
N THR D 36 -29.32 -18.21 9.36
CA THR D 36 -29.43 -19.01 8.14
C THR D 36 -28.08 -19.15 7.44
N VAL D 37 -27.34 -18.06 7.32
CA VAL D 37 -26.04 -18.13 6.66
C VAL D 37 -25.06 -18.92 7.51
N GLN D 38 -25.16 -18.82 8.84
CA GLN D 38 -24.35 -19.67 9.71
C GLN D 38 -24.71 -21.13 9.55
N LYS D 39 -26.00 -21.43 9.34
CA LYS D 39 -26.44 -22.82 9.25
C LYS D 39 -25.86 -23.51 8.02
N VAL D 40 -25.77 -22.78 6.90
CA VAL D 40 -25.16 -23.33 5.70
C VAL D 40 -23.70 -23.68 5.97
N GLN D 41 -22.98 -22.80 6.67
CA GLN D 41 -21.59 -23.07 6.98
C GLN D 41 -21.45 -24.31 7.85
N ASP D 42 -22.26 -24.40 8.92
CA ASP D 42 -22.18 -25.55 9.81
C ASP D 42 -22.48 -26.84 9.07
N GLU D 43 -23.49 -26.81 8.19
CA GLU D 43 -23.83 -28.01 7.42
C GLU D 43 -22.73 -28.37 6.44
N VAL D 44 -22.04 -27.38 5.87
CA VAL D 44 -20.92 -27.66 5.00
C VAL D 44 -19.78 -28.29 5.80
N ASP D 45 -19.46 -27.71 6.97
CA ASP D 45 -18.41 -28.26 7.82
C ASP D 45 -18.74 -29.69 8.24
N ASP D 46 -20.00 -29.96 8.58
CA ASP D 46 -20.40 -31.30 8.97
C ASP D 46 -20.36 -32.28 7.80
N TYR D 47 -20.43 -31.79 6.57
CA TYR D 47 -20.35 -32.68 5.42
C TYR D 47 -18.89 -33.03 5.10
N VAL D 48 -18.02 -32.02 5.01
CA VAL D 48 -16.63 -32.28 4.65
C VAL D 48 -15.90 -32.98 5.79
N ARG D 49 -16.29 -32.72 7.03
CA ARG D 49 -15.74 -33.39 8.22
C ARG D 49 -14.22 -33.36 8.22
N ASN D 50 -13.65 -32.20 7.94
CA ASN D 50 -12.20 -32.03 7.98
C ASN D 50 -11.69 -32.27 9.39
N TRP D 51 -10.59 -33.01 9.49
CA TRP D 51 -9.99 -33.29 10.79
C TRP D 51 -9.35 -32.04 11.36
N ASN D 52 -9.70 -31.71 12.59
CA ASN D 52 -9.12 -30.55 13.27
C ASN D 52 -8.41 -31.00 14.54
N PRO D 53 -7.07 -30.99 14.56
CA PRO D 53 -6.35 -31.55 15.71
C PRO D 53 -6.59 -30.75 16.98
N GLY D 54 -6.48 -31.44 18.11
CA GLY D 54 -6.53 -30.81 19.41
C GLY D 54 -5.17 -30.29 19.83
N PRO D 55 -5.05 -29.85 21.08
CA PRO D 55 -3.76 -29.28 21.53
C PRO D 55 -2.63 -30.29 21.54
N LYS D 56 -2.93 -31.57 21.73
CA LYS D 56 -1.89 -32.59 21.82
C LYS D 56 -2.45 -33.91 21.29
N TYR D 57 -1.58 -34.90 21.21
CA TYR D 57 -1.93 -36.20 20.65
C TYR D 57 -2.90 -36.96 21.56
N ASN D 58 -3.65 -37.88 20.94
CA ASN D 58 -4.53 -38.82 21.63
C ASN D 58 -3.98 -39.29 22.98
N THR D 68 -13.68 -37.98 5.91
CA THR D 68 -13.46 -36.69 5.24
C THR D 68 -13.88 -36.77 3.78
N LYS D 69 -14.70 -35.81 3.35
CA LYS D 69 -15.16 -35.74 1.98
C LYS D 69 -14.64 -34.48 1.32
N GLN D 70 -14.46 -34.56 0.01
CA GLN D 70 -14.14 -33.38 -0.77
C GLN D 70 -15.41 -32.53 -0.94
N PRO D 71 -15.27 -31.21 -0.99
CA PRO D 71 -16.47 -30.37 -1.14
C PRO D 71 -17.16 -30.63 -2.46
N SER D 72 -18.49 -30.73 -2.41
CA SER D 72 -19.29 -30.91 -3.62
C SER D 72 -20.28 -29.77 -3.76
N ASN D 73 -21.36 -29.99 -4.51
CA ASN D 73 -22.37 -28.94 -4.68
C ASN D 73 -22.87 -28.46 -3.32
N LEU D 74 -23.07 -27.14 -3.20
CA LEU D 74 -23.59 -26.60 -1.97
C LEU D 74 -24.98 -27.17 -1.66
N SER D 75 -25.79 -27.41 -2.70
CA SER D 75 -27.11 -27.99 -2.48
C SER D 75 -27.03 -29.42 -1.97
N LEU D 76 -25.93 -30.12 -2.25
CA LEU D 76 -25.76 -31.47 -1.72
C LEU D 76 -25.26 -31.46 -0.29
N MET D 77 -24.37 -30.52 0.04
CA MET D 77 -23.77 -30.47 1.37
C MET D 77 -24.68 -29.82 2.41
N SER D 78 -25.61 -28.96 1.99
CA SER D 78 -26.34 -28.12 2.92
C SER D 78 -27.84 -28.22 2.66
N LYS D 79 -28.56 -28.81 3.62
CA LYS D 79 -30.02 -28.85 3.53
C LYS D 79 -30.62 -27.45 3.59
N THR D 80 -30.03 -26.56 4.38
CA THR D 80 -30.54 -25.19 4.44
C THR D 80 -30.37 -24.48 3.11
N TYR D 81 -29.27 -24.73 2.41
CA TYR D 81 -29.05 -24.13 1.10
C TYR D 81 -30.09 -24.60 0.09
N ARG D 82 -30.37 -25.91 0.06
CA ARG D 82 -31.28 -26.42 -0.96
C ARG D 82 -32.75 -26.26 -0.57
N CYS D 83 -33.06 -26.17 0.71
CA CYS D 83 -34.45 -26.05 1.16
C CYS D 83 -34.87 -24.61 1.43
N GLU D 84 -33.98 -23.76 1.93
CA GLU D 84 -34.31 -22.39 2.26
C GLU D 84 -33.64 -21.37 1.36
N VAL D 85 -32.33 -21.48 1.15
CA VAL D 85 -31.60 -20.45 0.42
C VAL D 85 -32.07 -20.37 -1.03
N LEU D 86 -32.25 -21.52 -1.68
CA LEU D 86 -32.59 -21.52 -3.11
C LEU D 86 -34.05 -21.16 -3.36
N ASN D 87 -34.87 -21.07 -2.32
CA ASN D 87 -36.23 -20.56 -2.43
C ASN D 87 -36.34 -19.09 -2.08
N HIS D 88 -35.22 -18.40 -1.91
CA HIS D 88 -35.24 -17.01 -1.45
C HIS D 88 -36.09 -16.15 -2.39
N PRO D 89 -37.15 -15.52 -1.90
CA PRO D 89 -38.06 -14.80 -2.80
C PRO D 89 -37.41 -13.65 -3.54
N TRP D 90 -36.44 -12.97 -2.93
CA TRP D 90 -35.73 -11.90 -3.61
C TRP D 90 -35.00 -12.41 -4.84
N MET D 91 -34.36 -13.58 -4.73
CA MET D 91 -33.65 -14.15 -5.87
C MET D 91 -34.60 -14.41 -7.04
N HIS D 92 -35.76 -14.99 -6.76
CA HIS D 92 -36.68 -15.32 -7.83
C HIS D 92 -37.44 -14.11 -8.34
N ALA D 93 -37.71 -13.13 -7.48
CA ALA D 93 -38.34 -11.89 -7.95
C ALA D 93 -37.44 -11.19 -8.97
N ILE D 94 -36.14 -11.15 -8.71
CA ILE D 94 -35.21 -10.47 -9.60
C ILE D 94 -34.97 -11.29 -10.86
N CYS D 95 -34.79 -12.60 -10.71
CA CYS D 95 -34.55 -13.47 -11.85
C CYS D 95 -35.74 -13.49 -12.80
N GLU D 96 -36.95 -13.49 -12.25
CA GLU D 96 -38.15 -13.46 -13.07
C GLU D 96 -38.17 -12.22 -13.96
N ARG D 97 -37.77 -11.07 -13.42
CA ARG D 97 -37.82 -9.83 -14.17
C ARG D 97 -36.60 -9.67 -15.09
N MET D 98 -35.47 -10.25 -14.73
CA MET D 98 -34.27 -10.12 -15.56
C MET D 98 -34.30 -11.08 -16.75
N PHE D 99 -34.73 -12.32 -16.53
CA PHE D 99 -34.67 -13.35 -17.58
C PHE D 99 -36.02 -13.62 -18.21
N GLY D 100 -37.12 -13.41 -17.48
CA GLY D 100 -38.44 -13.81 -17.91
C GLY D 100 -38.88 -13.28 -19.27
N PRO D 101 -38.90 -11.96 -19.45
CA PRO D 101 -39.44 -11.41 -20.70
C PRO D 101 -38.71 -11.88 -21.95
N THR D 102 -37.41 -12.18 -21.87
CA THR D 102 -36.66 -12.58 -23.05
C THR D 102 -36.40 -14.08 -23.11
N TYR D 103 -36.08 -14.71 -21.98
CA TYR D 103 -35.66 -16.10 -21.96
C TYR D 103 -36.71 -17.07 -21.44
N GLY D 104 -37.75 -16.58 -20.77
CA GLY D 104 -38.70 -17.48 -20.13
C GLY D 104 -38.17 -17.96 -18.80
N ASP D 105 -38.02 -19.28 -18.65
CA ASP D 105 -37.53 -19.84 -17.40
C ASP D 105 -36.03 -19.58 -17.24
N TYR D 106 -35.59 -19.65 -15.98
CA TYR D 106 -34.20 -19.57 -15.58
C TYR D 106 -33.93 -20.74 -14.64
N TRP D 107 -32.64 -21.03 -14.40
CA TRP D 107 -32.30 -22.04 -13.41
C TRP D 107 -30.92 -21.75 -12.82
N PHE D 108 -30.55 -22.60 -11.85
CA PHE D 108 -29.33 -22.42 -11.08
C PHE D 108 -28.09 -22.62 -11.96
N ASN D 109 -27.17 -21.67 -11.88
CA ASN D 109 -25.94 -21.74 -12.67
C ASN D 109 -24.81 -22.38 -11.86
N GLY D 110 -24.44 -21.75 -10.75
CA GLY D 110 -23.43 -22.31 -9.87
C GLY D 110 -23.49 -21.63 -8.53
N GLY D 111 -22.96 -22.32 -7.52
CA GLY D 111 -22.92 -21.79 -6.17
C GLY D 111 -21.72 -22.30 -5.40
N SER D 112 -20.98 -21.40 -4.78
CA SER D 112 -19.73 -21.78 -4.16
C SER D 112 -19.62 -21.16 -2.77
N ILE D 113 -18.86 -21.81 -1.92
CA ILE D 113 -18.49 -21.23 -0.63
C ILE D 113 -17.32 -20.29 -0.84
N LEU D 114 -17.40 -19.10 -0.26
CA LEU D 114 -16.34 -18.12 -0.31
C LEU D 114 -15.58 -18.16 1.01
N HIS D 115 -14.31 -18.56 0.95
CA HIS D 115 -13.43 -18.59 2.13
C HIS D 115 -12.13 -17.89 1.74
N LEU D 116 -12.13 -16.57 1.83
CA LEU D 116 -10.97 -15.78 1.46
C LEU D 116 -9.88 -15.94 2.52
N GLU D 117 -8.78 -16.58 2.14
CA GLU D 117 -7.71 -16.89 3.08
C GLU D 117 -6.94 -15.62 3.46
N PRO D 118 -6.55 -15.47 4.72
CA PRO D 118 -5.65 -14.37 5.09
C PRO D 118 -4.38 -14.41 4.26
N GLY D 119 -4.03 -13.26 3.68
CA GLY D 119 -2.88 -13.17 2.82
C GLY D 119 -3.18 -13.27 1.34
N GLU D 120 -4.40 -13.64 0.96
CA GLU D 120 -4.77 -13.65 -0.45
C GLU D 120 -4.71 -12.25 -1.02
N ASN D 121 -4.17 -12.13 -2.23
CA ASN D 121 -4.00 -10.83 -2.86
C ASN D 121 -5.27 -10.47 -3.65
N THR D 122 -5.20 -9.33 -4.34
CA THR D 122 -6.38 -8.80 -5.02
C THR D 122 -6.74 -9.66 -6.23
N GLN D 123 -8.00 -10.09 -6.28
CA GLN D 123 -8.51 -10.81 -7.44
C GLN D 123 -8.54 -9.87 -8.65
N PRO D 124 -8.25 -10.37 -9.86
CA PRO D 124 -8.33 -9.51 -11.04
C PRO D 124 -9.77 -9.04 -11.28
N ILE D 125 -9.89 -7.81 -11.80
CA ILE D 125 -11.19 -7.24 -12.09
C ILE D 125 -11.73 -7.87 -13.36
N HIS D 126 -12.98 -8.36 -13.31
CA HIS D 126 -13.53 -9.14 -14.39
C HIS D 126 -15.05 -9.03 -14.39
N GLN D 127 -15.64 -9.33 -15.55
CA GLN D 127 -17.06 -9.59 -15.67
C GLN D 127 -17.31 -11.09 -15.62
N ASP D 128 -18.45 -11.47 -15.03
CA ASP D 128 -18.72 -12.89 -14.84
C ASP D 128 -19.19 -13.58 -16.12
N HIS D 129 -19.77 -12.84 -17.06
CA HIS D 129 -20.33 -13.47 -18.26
C HIS D 129 -19.29 -13.67 -19.36
N VAL D 130 -17.99 -13.59 -19.02
CA VAL D 130 -16.94 -13.72 -20.01
C VAL D 130 -16.87 -15.15 -20.56
N PHE D 131 -17.20 -16.15 -19.74
CA PHE D 131 -17.16 -17.54 -20.21
C PHE D 131 -18.41 -17.93 -21.00
N TYR D 132 -19.28 -16.98 -21.32
CA TYR D 132 -20.30 -17.17 -22.34
C TYR D 132 -19.74 -16.61 -23.65
N GLN D 133 -19.49 -17.50 -24.62
CA GLN D 133 -19.03 -17.03 -25.92
C GLN D 133 -19.99 -16.02 -26.54
N ILE D 134 -21.28 -16.12 -26.20
CA ILE D 134 -22.28 -15.23 -26.79
C ILE D 134 -22.25 -13.83 -26.20
N SER D 135 -21.50 -13.61 -25.12
CA SER D 135 -21.33 -12.24 -24.61
C SER D 135 -20.65 -11.34 -25.62
N LYS D 136 -19.92 -11.91 -26.59
CA LYS D 136 -19.37 -11.14 -27.69
C LYS D 136 -20.45 -10.64 -28.64
N TRP D 137 -21.65 -11.23 -28.59
CA TRP D 137 -22.77 -10.78 -29.40
C TRP D 137 -23.73 -9.89 -28.64
N ARG D 138 -23.66 -9.91 -27.31
CA ARG D 138 -24.60 -9.18 -26.48
C ARG D 138 -24.28 -7.69 -26.44
N ARG D 139 -25.36 -6.84 -26.45
CA ARG D 139 -25.31 -5.40 -26.24
C ARG D 139 -25.50 -5.06 -24.77
N PRO D 140 -24.94 -3.95 -24.29
CA PRO D 140 -25.11 -3.58 -22.87
C PRO D 140 -26.55 -3.35 -22.48
N THR D 141 -27.44 -3.05 -23.44
CA THR D 141 -28.85 -2.87 -23.14
C THR D 141 -29.61 -4.19 -23.07
N ASP D 142 -29.03 -5.28 -23.58
CA ASP D 142 -29.66 -6.58 -23.49
C ASP D 142 -29.77 -7.02 -22.03
N PRO D 143 -30.68 -7.95 -21.74
CA PRO D 143 -30.66 -8.60 -20.43
C PRO D 143 -29.31 -9.27 -20.17
N ASP D 144 -28.99 -9.44 -18.89
CA ASP D 144 -27.75 -10.08 -18.50
C ASP D 144 -27.80 -11.59 -18.78
N LEU D 145 -26.62 -12.18 -18.96
CA LEU D 145 -26.50 -13.60 -19.24
C LEU D 145 -26.51 -14.46 -17.99
N THR D 146 -26.20 -13.87 -16.83
CA THR D 146 -26.21 -14.59 -15.56
C THR D 146 -26.24 -13.55 -14.45
N ILE D 147 -26.71 -13.95 -13.27
CA ILE D 147 -26.73 -13.08 -12.11
C ILE D 147 -26.24 -13.85 -10.90
N ASN D 148 -25.49 -13.18 -10.03
CA ASN D 148 -24.89 -13.79 -8.85
C ASN D 148 -25.38 -13.07 -7.60
N PHE D 149 -25.65 -13.84 -6.55
CA PHE D 149 -25.98 -13.31 -5.23
C PHE D 149 -24.88 -13.72 -4.27
N THR D 150 -24.14 -12.75 -3.75
CA THR D 150 -23.05 -13.01 -2.81
C THR D 150 -23.49 -12.64 -1.41
N MET D 151 -23.70 -13.66 -0.57
CA MET D 151 -24.22 -13.48 0.78
C MET D 151 -23.07 -13.49 1.77
N ALA D 152 -23.04 -12.49 2.65
CA ALA D 152 -21.97 -12.38 3.63
C ALA D 152 -22.23 -13.32 4.80
N LEU D 153 -21.24 -14.15 5.13
CA LEU D 153 -21.26 -14.87 6.40
C LEU D 153 -20.52 -14.06 7.47
N THR D 154 -19.26 -13.74 7.23
CA THR D 154 -18.58 -12.76 8.04
C THR D 154 -18.81 -11.37 7.45
N GLU D 155 -18.42 -10.36 8.23
CA GLU D 155 -18.46 -8.99 7.73
C GLU D 155 -17.56 -8.86 6.51
N PHE D 156 -18.00 -8.04 5.54
CA PHE D 156 -17.18 -7.67 4.40
C PHE D 156 -16.61 -6.28 4.70
N THR D 157 -15.30 -6.19 4.86
CA THR D 157 -14.62 -4.95 5.16
C THR D 157 -13.60 -4.66 4.08
N VAL D 158 -13.04 -3.45 4.11
CA VAL D 158 -11.94 -3.13 3.22
C VAL D 158 -10.75 -4.01 3.50
N GLU D 159 -10.45 -4.23 4.78
CA GLU D 159 -9.21 -4.89 5.17
C GLU D 159 -9.23 -6.38 4.88
N ASN D 160 -10.38 -7.05 5.04
CA ASN D 160 -10.43 -8.48 4.83
C ASN D 160 -10.71 -8.87 3.37
N GLY D 161 -10.62 -7.93 2.45
CA GLY D 161 -10.70 -8.25 1.04
C GLY D 161 -12.09 -8.33 0.46
N GLY D 162 -13.02 -7.53 0.97
CA GLY D 162 -14.38 -7.58 0.48
C GLY D 162 -14.47 -7.29 -1.00
N THR D 163 -15.53 -7.81 -1.63
CA THR D 163 -15.77 -7.57 -3.03
C THR D 163 -15.77 -6.09 -3.34
N ARG D 164 -15.18 -5.73 -4.48
CA ARG D 164 -15.22 -4.38 -4.99
C ARG D 164 -15.93 -4.35 -6.34
N VAL D 165 -16.75 -3.31 -6.53
CA VAL D 165 -17.52 -3.15 -7.75
C VAL D 165 -17.21 -1.78 -8.34
N CYS D 166 -17.59 -1.63 -9.61
CA CYS D 166 -17.47 -0.35 -10.33
C CYS D 166 -18.84 0.00 -10.85
N PRO D 167 -19.66 0.75 -10.09
CA PRO D 167 -21.01 1.05 -10.54
C PRO D 167 -21.03 1.76 -11.90
N GLY D 168 -21.98 1.36 -12.74
CA GLY D 168 -22.09 1.90 -14.08
C GLY D 168 -21.31 1.17 -15.15
N SER D 169 -20.29 0.40 -14.76
CA SER D 169 -19.45 -0.30 -15.74
C SER D 169 -20.20 -1.41 -16.46
N HIS D 170 -21.39 -1.79 -15.99
CA HIS D 170 -22.21 -2.76 -16.71
C HIS D 170 -22.75 -2.21 -18.02
N LEU D 171 -22.77 -0.89 -18.18
CA LEU D 171 -23.26 -0.25 -19.40
C LEU D 171 -22.17 -0.05 -20.44
N TRP D 172 -20.92 -0.33 -20.10
CA TRP D 172 -19.82 -0.18 -21.05
C TRP D 172 -19.96 -1.16 -22.21
N GLU D 173 -19.49 -0.72 -23.38
CA GLU D 173 -19.53 -1.55 -24.58
C GLU D 173 -18.58 -2.75 -24.43
N ASN D 174 -18.77 -3.73 -25.30
CA ASN D 174 -17.89 -4.89 -25.28
C ASN D 174 -16.50 -4.51 -25.79
N GLY D 175 -15.47 -5.07 -25.17
CA GLY D 175 -14.11 -4.68 -25.46
C GLY D 175 -13.64 -3.46 -24.69
N HIS D 176 -14.51 -2.82 -23.92
CA HIS D 176 -14.10 -1.69 -23.09
C HIS D 176 -13.00 -2.14 -22.13
N ALA D 177 -12.07 -1.24 -21.87
CA ALA D 177 -10.99 -1.54 -20.94
C ALA D 177 -11.55 -1.82 -19.56
N SER D 178 -10.82 -2.66 -18.81
CA SER D 178 -11.07 -2.88 -17.39
C SER D 178 -11.14 -1.54 -16.65
N PRO D 179 -11.94 -1.44 -15.60
CA PRO D 179 -11.92 -0.22 -14.78
C PRO D 179 -10.61 -0.11 -14.00
N ALA D 180 -10.22 1.13 -13.71
CA ALA D 180 -9.01 1.36 -12.95
C ALA D 180 -9.18 0.87 -11.52
N GLU D 181 -8.06 0.46 -10.92
CA GLU D 181 -8.11 -0.06 -9.55
C GLU D 181 -8.66 0.99 -8.59
N GLU D 182 -8.27 2.26 -8.77
CA GLU D 182 -8.72 3.31 -7.88
C GLU D 182 -10.19 3.68 -8.10
N ASP D 183 -10.79 3.22 -9.19
CA ASP D 183 -12.20 3.45 -9.44
C ASP D 183 -13.10 2.35 -8.88
N MET D 184 -12.51 1.35 -8.22
CA MET D 184 -13.30 0.28 -7.64
C MET D 184 -13.84 0.71 -6.28
N VAL D 185 -15.05 0.27 -5.97
CA VAL D 185 -15.76 0.67 -4.76
C VAL D 185 -15.89 -0.55 -3.85
N PRO D 186 -15.36 -0.50 -2.64
CA PRO D 186 -15.48 -1.65 -1.74
C PRO D 186 -16.92 -1.80 -1.25
N VAL D 187 -17.35 -3.05 -1.13
CA VAL D 187 -18.69 -3.39 -0.68
C VAL D 187 -18.59 -3.79 0.79
N LEU D 188 -19.07 -2.92 1.68
CA LEU D 188 -19.02 -3.13 3.12
C LEU D 188 -20.33 -3.76 3.57
N MET D 189 -20.26 -5.01 4.03
CA MET D 189 -21.47 -5.78 4.31
C MET D 189 -21.40 -6.41 5.69
N GLN D 190 -22.54 -6.47 6.35
CA GLN D 190 -22.74 -7.17 7.61
C GLN D 190 -23.20 -8.60 7.34
N PRO D 191 -23.00 -9.52 8.29
CA PRO D 191 -23.49 -10.89 8.09
C PRO D 191 -24.96 -10.90 7.74
N GLY D 192 -25.30 -11.64 6.67
CA GLY D 192 -26.66 -11.70 6.18
C GLY D 192 -26.94 -10.80 4.99
N ASP D 193 -26.18 -9.71 4.84
CA ASP D 193 -26.33 -8.88 3.65
C ASP D 193 -25.97 -9.69 2.39
N ALA D 194 -26.40 -9.19 1.24
CA ALA D 194 -26.11 -9.84 -0.02
C ALA D 194 -25.82 -8.81 -1.10
N LEU D 195 -24.75 -9.04 -1.85
CA LEU D 195 -24.38 -8.20 -2.98
C LEU D 195 -24.92 -8.81 -4.26
N ILE D 196 -25.66 -8.03 -5.04
CA ILE D 196 -26.23 -8.47 -6.31
C ILE D 196 -25.24 -8.14 -7.41
N LEU D 197 -24.76 -9.17 -8.11
CA LEU D 197 -23.72 -9.04 -9.14
C LEU D 197 -24.23 -9.59 -10.47
N PRO D 198 -24.87 -8.78 -11.31
CA PRO D 198 -25.15 -9.20 -12.68
C PRO D 198 -23.86 -9.55 -13.40
N GLY D 199 -23.99 -10.39 -14.44
CA GLY D 199 -22.81 -10.86 -15.15
C GLY D 199 -22.07 -9.78 -15.90
N SER D 200 -22.67 -8.61 -16.09
CA SER D 200 -22.03 -7.50 -16.79
C SER D 200 -21.26 -6.58 -15.86
N MET D 201 -21.38 -6.74 -14.55
CA MET D 201 -20.70 -5.86 -13.60
C MET D 201 -19.23 -6.27 -13.48
N TRP D 202 -18.33 -5.32 -13.72
CA TRP D 202 -16.93 -5.54 -13.40
C TRP D 202 -16.77 -5.58 -11.88
N HIS D 203 -16.06 -6.60 -11.38
CA HIS D 203 -15.87 -6.74 -9.95
C HIS D 203 -14.59 -7.51 -9.67
N SER D 204 -14.16 -7.47 -8.41
CA SER D 204 -12.98 -8.19 -7.97
C SER D 204 -12.98 -8.26 -6.45
N ALA D 205 -12.36 -9.31 -5.92
CA ALA D 205 -12.15 -9.43 -4.49
C ALA D 205 -10.85 -8.74 -4.12
N GLY D 206 -10.86 -8.07 -2.96
CA GLY D 206 -9.68 -7.40 -2.47
C GLY D 206 -8.74 -8.34 -1.75
N ALA D 207 -7.64 -7.77 -1.26
CA ALA D 207 -6.68 -8.52 -0.47
C ALA D 207 -7.14 -8.60 0.98
N ASN D 208 -7.00 -9.79 1.58
CA ASN D 208 -7.39 -10.02 2.97
C ASN D 208 -6.19 -9.71 3.85
N ARG D 209 -6.09 -8.45 4.28
CA ARG D 209 -5.00 -8.00 5.14
C ARG D 209 -5.32 -8.14 6.62
N THR D 210 -6.19 -9.07 6.98
CA THR D 210 -6.49 -9.37 8.38
C THR D 210 -5.99 -10.77 8.72
N SER D 211 -6.17 -11.15 9.98
CA SER D 211 -5.75 -12.46 10.45
C SER D 211 -6.86 -13.50 10.40
N GLU D 212 -8.04 -13.14 9.88
CA GLU D 212 -9.19 -14.02 9.91
C GLU D 212 -9.78 -14.16 8.50
N TYR D 213 -10.48 -15.27 8.29
CA TYR D 213 -11.09 -15.55 7.01
C TYR D 213 -12.23 -14.56 6.72
N ARG D 214 -12.36 -14.21 5.45
CA ARG D 214 -13.56 -13.54 4.95
C ARG D 214 -14.45 -14.61 4.32
N ARG D 215 -15.63 -14.82 4.91
CA ARG D 215 -16.44 -15.98 4.56
C ARG D 215 -17.81 -15.57 4.03
N GLY D 216 -18.36 -16.45 3.20
CA GLY D 216 -19.66 -16.22 2.60
C GLY D 216 -19.91 -17.29 1.56
N PHE D 217 -21.00 -17.12 0.83
CA PHE D 217 -21.26 -18.03 -0.28
C PHE D 217 -22.08 -17.31 -1.32
N ALA D 218 -22.14 -17.92 -2.50
CA ALA D 218 -22.81 -17.33 -3.65
C ALA D 218 -23.87 -18.28 -4.18
N THR D 219 -24.88 -17.70 -4.80
CA THR D 219 -25.79 -18.40 -5.70
C THR D 219 -25.74 -17.68 -7.04
N SER D 220 -26.03 -18.41 -8.12
CA SER D 220 -26.12 -17.77 -9.42
C SER D 220 -27.17 -18.49 -10.24
N PHE D 221 -27.87 -17.72 -11.07
CA PHE D 221 -28.91 -18.23 -11.95
C PHE D 221 -28.70 -17.64 -13.33
N HIS D 222 -29.21 -18.33 -14.34
CA HIS D 222 -29.07 -17.87 -15.72
C HIS D 222 -30.18 -18.50 -16.55
N PRO D 223 -30.41 -18.01 -17.78
CA PRO D 223 -31.56 -18.46 -18.57
C PRO D 223 -31.61 -19.97 -18.76
N CYS D 224 -32.84 -20.48 -18.92
CA CYS D 224 -33.04 -21.92 -19.08
C CYS D 224 -32.29 -22.49 -20.28
N HIS D 225 -32.04 -21.68 -21.32
CA HIS D 225 -31.41 -22.25 -22.52
C HIS D 225 -29.90 -22.31 -22.45
N PHE D 226 -29.30 -21.96 -21.31
CA PHE D 226 -27.85 -22.03 -21.12
C PHE D 226 -27.52 -23.18 -20.17
N THR D 227 -26.39 -23.84 -20.42
CA THR D 227 -25.99 -25.00 -19.62
C THR D 227 -25.37 -24.54 -18.30
N PRO D 228 -25.84 -25.05 -17.16
CA PRO D 228 -25.32 -24.57 -15.88
C PRO D 228 -23.88 -25.02 -15.66
N ILE D 229 -23.16 -24.21 -14.89
CA ILE D 229 -21.80 -24.57 -14.48
C ILE D 229 -21.82 -25.93 -13.82
N GLU D 230 -22.81 -26.18 -12.96
CA GLU D 230 -22.87 -27.38 -12.16
C GLU D 230 -24.06 -28.24 -12.55
N SER D 231 -23.86 -29.55 -12.55
CA SER D 231 -24.95 -30.51 -12.63
C SER D 231 -25.22 -31.07 -11.25
N HIS D 232 -26.49 -31.39 -10.98
CA HIS D 232 -26.88 -31.99 -9.72
C HIS D 232 -27.42 -33.40 -9.88
N HIS D 233 -27.15 -34.03 -11.03
CA HIS D 233 -27.68 -35.35 -11.34
C HIS D 233 -27.21 -36.42 -10.36
N HIS D 234 -26.07 -36.21 -9.70
CA HIS D 234 -25.52 -37.17 -8.76
C HIS D 234 -26.14 -37.10 -7.38
N LEU D 235 -27.08 -36.17 -7.14
CA LEU D 235 -27.66 -36.02 -5.82
C LEU D 235 -28.57 -37.20 -5.51
N PRO D 236 -28.65 -37.63 -4.25
CA PRO D 236 -29.55 -38.73 -3.90
C PRO D 236 -31.01 -38.35 -4.12
N ARG D 237 -31.78 -39.32 -4.61
CA ARG D 237 -33.18 -39.08 -4.93
C ARG D 237 -33.96 -38.53 -3.74
N GLU D 238 -33.60 -38.96 -2.53
CA GLU D 238 -34.29 -38.51 -1.33
C GLU D 238 -34.18 -37.00 -1.15
N MET D 239 -33.02 -36.42 -1.50
CA MET D 239 -32.87 -34.97 -1.42
C MET D 239 -33.74 -34.26 -2.45
N VAL D 240 -33.78 -34.78 -3.67
CA VAL D 240 -34.57 -34.16 -4.72
C VAL D 240 -36.04 -34.14 -4.34
N GLU D 241 -36.55 -35.24 -3.79
CA GLU D 241 -37.96 -35.32 -3.45
C GLU D 241 -38.33 -34.41 -2.30
N GLU D 242 -37.37 -33.99 -1.48
CA GLU D 242 -37.62 -33.01 -0.43
C GLU D 242 -37.50 -31.57 -0.92
N MET D 243 -37.00 -31.35 -2.14
CA MET D 243 -36.94 -29.99 -2.66
C MET D 243 -38.33 -29.52 -3.08
N THR D 244 -38.54 -28.21 -2.98
CA THR D 244 -39.73 -27.61 -3.57
C THR D 244 -39.72 -27.84 -5.08
N PRO D 245 -40.88 -27.77 -5.73
CA PRO D 245 -40.90 -27.81 -7.20
C PRO D 245 -40.02 -26.74 -7.83
N LEU D 246 -40.05 -25.54 -7.26
CA LEU D 246 -39.17 -24.47 -7.75
C LEU D 246 -37.71 -24.89 -7.72
N VAL D 247 -37.25 -25.42 -6.59
CA VAL D 247 -35.83 -25.79 -6.48
C VAL D 247 -35.52 -26.99 -7.35
N GLN D 248 -36.45 -27.95 -7.45
CA GLN D 248 -36.27 -29.04 -8.41
C GLN D 248 -36.01 -28.51 -9.82
N LYS D 249 -36.79 -27.50 -10.24
CA LYS D 249 -36.54 -26.87 -11.52
C LYS D 249 -35.20 -26.15 -11.54
N MET D 250 -34.87 -25.44 -10.44
CA MET D 250 -33.61 -24.72 -10.37
C MET D 250 -32.42 -25.63 -10.59
N LEU D 251 -32.49 -26.85 -10.05
CA LEU D 251 -31.33 -27.74 -9.99
C LEU D 251 -31.32 -28.81 -11.07
N GLY D 252 -32.16 -28.68 -12.10
CA GLY D 252 -32.05 -29.52 -13.28
C GLY D 252 -32.89 -30.78 -13.29
N PHE D 253 -33.93 -30.85 -12.47
CA PHE D 253 -34.78 -32.04 -12.39
C PHE D 253 -36.13 -31.86 -13.06
N ARG D 254 -36.39 -30.72 -13.69
CA ARG D 254 -37.67 -30.45 -14.30
C ARG D 254 -37.47 -29.81 -15.66
N THR D 255 -38.47 -30.01 -16.53
CA THR D 255 -38.48 -29.39 -17.84
C THR D 255 -38.66 -27.89 -17.71
N LEU D 256 -37.98 -27.13 -18.58
CA LEU D 256 -38.00 -25.68 -18.53
C LEU D 256 -38.72 -25.12 -19.75
N ASN D 257 -39.40 -23.99 -19.56
CA ASN D 257 -40.22 -23.38 -20.59
C ASN D 257 -39.53 -22.13 -21.12
N LEU D 258 -39.26 -22.12 -22.43
CA LEU D 258 -38.71 -20.94 -23.08
C LEU D 258 -39.79 -19.88 -23.22
N HIS D 259 -39.36 -18.68 -23.61
CA HIS D 259 -40.33 -17.59 -23.81
C HIS D 259 -41.31 -17.91 -24.93
N ASN D 260 -40.85 -18.61 -25.97
CA ASN D 260 -41.72 -19.03 -27.06
C ASN D 260 -42.54 -20.27 -26.71
N ASN D 261 -42.56 -20.66 -25.43
CA ASN D 261 -43.33 -21.77 -24.89
C ASN D 261 -42.75 -23.13 -25.30
N VAL D 262 -41.77 -23.13 -26.21
CA VAL D 262 -41.04 -24.36 -26.48
C VAL D 262 -40.36 -24.80 -25.20
N LYS D 263 -40.41 -26.09 -24.93
CA LYS D 263 -39.77 -26.67 -23.76
C LYS D 263 -38.39 -27.19 -24.11
N VAL D 264 -37.45 -27.01 -23.19
CA VAL D 264 -36.14 -27.66 -23.26
C VAL D 264 -36.02 -28.58 -22.05
N TRP D 265 -34.97 -29.38 -22.04
CA TRP D 265 -34.73 -30.32 -20.95
C TRP D 265 -35.93 -31.24 -20.77
N LYS D 266 -36.48 -31.72 -21.89
CA LYS D 266 -37.64 -32.60 -21.87
C LYS D 266 -37.21 -34.06 -21.73
N ALA D 267 -38.16 -34.89 -21.34
CA ALA D 267 -38.03 -36.34 -21.45
C ALA D 267 -38.82 -36.76 -22.68
N GLY D 268 -38.11 -36.92 -23.80
CA GLY D 268 -38.78 -37.10 -25.08
C GLY D 268 -39.55 -35.85 -25.47
N GLU D 269 -40.86 -35.98 -25.66
CA GLU D 269 -41.72 -34.83 -25.87
C GLU D 269 -42.51 -34.46 -24.63
N GLY D 270 -42.24 -35.13 -23.51
CA GLY D 270 -42.92 -34.87 -22.26
C GLY D 270 -41.99 -34.25 -21.22
N ASN D 271 -42.54 -34.10 -20.03
CA ASN D 271 -41.82 -33.44 -18.95
C ASN D 271 -40.89 -34.41 -18.25
N LEU D 272 -39.67 -33.94 -17.94
CA LEU D 272 -38.70 -34.77 -17.23
C LEU D 272 -39.26 -35.29 -15.92
N GLU D 273 -39.95 -34.44 -15.17
CA GLU D 273 -40.42 -34.84 -13.83
C GLU D 273 -41.47 -35.92 -13.91
N ASP D 274 -42.23 -35.99 -15.01
CA ASP D 274 -43.19 -37.07 -15.19
C ASP D 274 -42.47 -38.39 -15.49
N ALA D 275 -41.36 -38.34 -16.22
CA ALA D 275 -40.65 -39.55 -16.58
C ALA D 275 -39.84 -40.11 -15.43
N THR D 276 -39.32 -39.23 -14.55
CA THR D 276 -38.56 -39.66 -13.38
C THR D 276 -39.45 -39.95 -12.18
N GLY D 277 -40.73 -39.65 -12.25
CA GLY D 277 -41.64 -39.93 -11.16
C GLY D 277 -41.59 -38.97 -10.00
N LEU D 278 -41.11 -37.74 -10.21
CA LEU D 278 -41.08 -36.75 -9.15
C LEU D 278 -42.48 -36.35 -8.71
#